data_3UXY
#
_entry.id   3UXY
#
_cell.length_a   66.526
_cell.length_b   87.999
_cell.length_c   93.463
_cell.angle_alpha   90.00
_cell.angle_beta   111.68
_cell.angle_gamma   90.00
#
_symmetry.space_group_name_H-M   'P 1 21 1'
#
loop_
_entity.id
_entity.type
_entity.pdbx_description
1 polymer 'Short-chain dehydrogenase/reductase SDR'
2 non-polymer NICOTINAMIDE-ADENINE-DINUCLEOTIDE
3 water water
#
_entity_poly.entity_id   1
_entity_poly.type   'polypeptide(L)'
_entity_poly.pdbx_seq_one_letter_code
;(MSE)HHHHHHSSGVDLGTENLYFQS(MSE)QGFEGKVALVTGAAGGIGGAVVTALRAAGARVAVADRAVAGIAADLHLP
GDLREAAYADGLPGAVAAGLGRLDIVVNNAGVISRGRITETTDADWSLSLGVNVEAPFRICRAAIPL(MSE)AAAGGGAI
VNVASCWGLRPGPGHALYCLTKAALASLTQC(MSE)G(MSE)DHAPQGIRINAVCPNEVNTP(MSE)LRTGFAKRGFDPD
RAVAELGRTVPLGRIAEPEDIADVVLFLASDAARYLCGSLVEVNGGKAVA
;
_entity_poly.pdbx_strand_id   A,B,C,D
#
loop_
_chem_comp.id
_chem_comp.type
_chem_comp.name
_chem_comp.formula
NAD non-polymer NICOTINAMIDE-ADENINE-DINUCLEOTIDE 'C21 H27 N7 O14 P2'
#
# COMPACT_ATOMS: atom_id res chain seq x y z
N PHE A 26 -22.96 22.80 7.29
CA PHE A 26 -22.72 22.50 8.70
C PHE A 26 -23.71 23.18 9.64
N GLU A 27 -24.53 24.09 9.11
CA GLU A 27 -25.48 24.81 9.97
C GLU A 27 -26.49 23.85 10.61
N GLY A 28 -26.59 23.94 11.93
CA GLY A 28 -27.47 23.06 12.67
C GLY A 28 -26.84 21.71 13.04
N LYS A 29 -25.64 21.42 12.56
CA LYS A 29 -25.04 20.14 12.87
C LYS A 29 -24.29 20.18 14.22
N VAL A 30 -24.03 19.01 14.79
CA VAL A 30 -23.30 18.92 16.06
C VAL A 30 -22.09 18.02 15.90
N ALA A 31 -20.96 18.48 16.40
CA ALA A 31 -19.72 17.75 16.27
C ALA A 31 -19.04 17.56 17.62
N LEU A 32 -18.47 16.38 17.78
CA LEU A 32 -17.56 16.12 18.88
C LEU A 32 -16.14 16.21 18.34
N VAL A 33 -15.28 16.96 19.03
CA VAL A 33 -13.87 16.96 18.67
C VAL A 33 -13.05 16.57 19.89
N THR A 34 -12.26 15.49 19.79
CA THR A 34 -11.33 15.14 20.86
C THR A 34 -9.95 15.78 20.65
N GLY A 35 -9.08 15.75 21.66
CA GLY A 35 -7.80 16.45 21.59
C GLY A 35 -8.02 17.92 21.26
N ALA A 36 -9.11 18.45 21.78
CA ALA A 36 -9.60 19.78 21.42
C ALA A 36 -8.72 20.90 21.92
N ALA A 37 -7.86 20.62 22.88
CA ALA A 37 -7.01 21.67 23.45
C ALA A 37 -5.66 21.77 22.72
N GLY A 38 -5.39 20.84 21.81
CA GLY A 38 -4.18 20.87 21.00
C GLY A 38 -4.27 21.74 19.74
N GLY A 39 -3.16 21.84 19.01
CA GLY A 39 -3.09 22.69 17.83
C GLY A 39 -4.11 22.35 16.75
N ILE A 40 -4.08 21.12 16.28
CA ILE A 40 -5.03 20.69 15.26
C ILE A 40 -6.44 20.71 15.82
N GLY A 41 -6.59 20.21 17.04
CA GLY A 41 -7.89 20.19 17.68
C GLY A 41 -8.56 21.55 17.74
N GLY A 42 -7.83 22.54 18.25
CA GLY A 42 -8.32 23.90 18.32
C GLY A 42 -8.72 24.44 16.94
N ALA A 43 -7.88 24.19 15.95
CA ALA A 43 -8.18 24.65 14.58
C ALA A 43 -9.44 23.98 14.01
N VAL A 44 -9.61 22.69 14.28
CA VAL A 44 -10.83 22.01 13.83
C VAL A 44 -12.07 22.59 14.52
N VAL A 45 -12.00 22.83 15.83
CA VAL A 45 -13.13 23.38 16.55
C VAL A 45 -13.51 24.74 15.94
N THR A 46 -12.51 25.58 15.76
CA THR A 46 -12.73 26.92 15.26
C THR A 46 -13.39 26.92 13.88
N ALA A 47 -12.88 26.08 12.99
CA ALA A 47 -13.40 25.98 11.62
C ALA A 47 -14.83 25.45 11.61
N LEU A 48 -15.20 24.42 12.38
CA LEU A 48 -16.57 23.91 12.50
C LEU A 48 -17.52 24.96 13.05
N ARG A 49 -17.11 25.67 14.07
CA ARG A 49 -18.03 26.66 14.62
C ARG A 49 -18.24 27.83 13.64
N ALA A 50 -17.18 28.24 12.94
CA ALA A 50 -17.30 29.24 11.87
C ALA A 50 -18.21 28.76 10.75
N ALA A 51 -18.21 27.45 10.49
CA ALA A 51 -19.05 26.88 9.46
C ALA A 51 -20.48 26.71 9.93
N GLY A 52 -20.73 26.99 11.21
CA GLY A 52 -22.08 26.96 11.74
C GLY A 52 -22.46 25.72 12.53
N ALA A 53 -21.51 24.82 12.78
CA ALA A 53 -21.78 23.68 13.63
C ALA A 53 -21.73 24.07 15.11
N ARG A 54 -22.50 23.40 15.94
CA ARG A 54 -22.28 23.48 17.38
C ARG A 54 -21.27 22.40 17.73
N VAL A 55 -20.29 22.73 18.57
CA VAL A 55 -19.22 21.77 18.86
C VAL A 55 -19.03 21.46 20.33
N ALA A 56 -18.99 20.17 20.65
CA ALA A 56 -18.62 19.67 21.97
C ALA A 56 -17.12 19.40 21.96
N VAL A 57 -16.39 19.92 22.95
CA VAL A 57 -14.94 19.76 22.99
C VAL A 57 -14.52 18.79 24.08
N ALA A 58 -13.63 17.89 23.73
CA ALA A 58 -13.12 16.90 24.69
C ALA A 58 -11.61 16.96 24.74
N ASP A 59 -11.08 17.09 25.96
CA ASP A 59 -9.64 16.86 26.22
C ASP A 59 -9.49 16.66 27.73
N ARG A 60 -8.26 16.49 28.20
CA ARG A 60 -8.05 16.36 29.65
C ARG A 60 -8.68 17.54 30.40
N ALA A 61 -8.59 18.74 29.82
CA ALA A 61 -9.14 19.96 30.41
C ALA A 61 -9.53 20.90 29.27
N VAL A 62 -10.68 21.57 29.40
CA VAL A 62 -11.21 22.31 28.27
C VAL A 62 -11.92 23.62 28.61
N ALA A 63 -11.93 24.00 29.89
CA ALA A 63 -12.80 25.10 30.34
C ALA A 63 -12.58 26.41 29.58
N GLY A 64 -11.36 26.64 29.11
CA GLY A 64 -11.06 27.89 28.43
C GLY A 64 -11.36 27.91 26.94
N ILE A 65 -11.76 26.77 26.40
CA ILE A 65 -12.04 26.69 24.97
C ILE A 65 -13.45 27.21 24.66
N ALA A 66 -13.56 28.08 23.65
CA ALA A 66 -14.86 28.57 23.23
C ALA A 66 -15.59 27.47 22.46
N ALA A 67 -16.70 27.01 23.02
CA ALA A 67 -17.39 25.87 22.44
C ALA A 67 -18.80 25.80 22.99
N ASP A 68 -19.59 24.86 22.49
CA ASP A 68 -20.99 24.77 22.84
C ASP A 68 -21.30 23.73 23.91
N LEU A 69 -20.35 22.85 24.16
CA LEU A 69 -20.44 21.89 25.25
C LEU A 69 -19.03 21.48 25.62
N HIS A 70 -18.78 21.34 26.91
CA HIS A 70 -17.44 21.04 27.42
C HIS A 70 -17.41 19.69 28.13
N LEU A 71 -16.59 18.76 27.64
CA LEU A 71 -16.59 17.42 28.19
C LEU A 71 -15.17 16.94 28.50
N PRO A 72 -14.60 17.47 29.59
CA PRO A 72 -13.23 17.12 29.97
C PRO A 72 -13.17 15.68 30.45
N GLY A 73 -12.06 14.99 30.18
CA GLY A 73 -11.90 13.66 30.72
C GLY A 73 -10.63 12.95 30.25
N ASP A 74 -10.37 11.80 30.83
CA ASP A 74 -9.17 11.04 30.50
C ASP A 74 -9.60 9.91 29.57
N LEU A 75 -9.25 9.98 28.30
CA LEU A 75 -9.63 8.92 27.35
C LEU A 75 -9.23 7.49 27.73
N ARG A 76 -8.26 7.34 28.62
CA ARG A 76 -7.86 5.99 29.03
C ARG A 76 -8.92 5.35 29.90
N GLU A 77 -9.82 6.16 30.47
CA GLU A 77 -10.91 5.59 31.27
C GLU A 77 -12.06 5.16 30.35
N ALA A 78 -12.34 3.86 30.35
CA ALA A 78 -13.32 3.27 29.43
C ALA A 78 -14.67 3.96 29.55
N ALA A 79 -15.11 4.23 30.78
CA ALA A 79 -16.40 4.86 30.99
C ALA A 79 -16.50 6.24 30.35
N TYR A 80 -15.41 6.99 30.33
CA TYR A 80 -15.47 8.34 29.79
C TYR A 80 -15.52 8.27 28.26
N ALA A 81 -14.66 7.44 27.66
CA ALA A 81 -14.65 7.27 26.21
C ALA A 81 -15.93 6.60 25.70
N ASP A 82 -16.41 5.56 26.39
CA ASP A 82 -17.67 4.89 26.01
C ASP A 82 -18.83 5.89 26.05
N GLY A 83 -18.76 6.85 26.97
CA GLY A 83 -19.88 7.72 27.22
C GLY A 83 -19.85 9.02 26.44
N LEU A 84 -18.76 9.29 25.73
CA LEU A 84 -18.65 10.60 25.07
C LEU A 84 -19.77 10.88 24.04
N PRO A 85 -20.00 9.96 23.10
CA PRO A 85 -21.04 10.26 22.11
C PRO A 85 -22.43 10.46 22.74
N GLY A 86 -22.79 9.66 23.74
CA GLY A 86 -24.06 9.85 24.43
C GLY A 86 -24.13 11.17 25.18
N ALA A 87 -23.01 11.62 25.73
CA ALA A 87 -22.97 12.89 26.44
C ALA A 87 -23.21 14.06 25.48
N VAL A 88 -22.76 13.93 24.23
CA VAL A 88 -22.98 14.98 23.23
C VAL A 88 -24.44 14.99 22.79
N ALA A 89 -24.99 13.83 22.47
CA ALA A 89 -26.40 13.74 22.09
C ALA A 89 -27.33 14.27 23.18
N ALA A 90 -27.06 13.94 24.44
CA ALA A 90 -27.86 14.46 25.53
C ALA A 90 -27.70 15.97 25.71
N GLY A 91 -26.48 16.46 25.56
CA GLY A 91 -26.21 17.84 25.90
C GLY A 91 -26.63 18.77 24.78
N LEU A 92 -26.47 18.33 23.54
CA LEU A 92 -26.75 19.21 22.40
C LEU A 92 -27.90 18.71 21.50
N GLY A 93 -28.51 17.58 21.85
CA GLY A 93 -29.70 17.13 21.13
C GLY A 93 -29.48 16.21 19.93
N ARG A 94 -28.23 16.11 19.45
CA ARG A 94 -27.90 15.26 18.31
C ARG A 94 -26.38 15.12 18.13
N LEU A 95 -25.96 14.24 17.22
CA LEU A 95 -24.54 14.02 16.94
C LEU A 95 -24.32 13.65 15.47
N ASP A 96 -23.70 14.55 14.73
CA ASP A 96 -23.58 14.41 13.28
C ASP A 96 -22.14 14.07 12.84
N ILE A 97 -21.19 14.57 13.62
CA ILE A 97 -19.79 14.49 13.25
C ILE A 97 -18.94 14.15 14.47
N VAL A 98 -18.02 13.22 14.29
CA VAL A 98 -17.01 12.97 15.30
C VAL A 98 -15.62 13.14 14.69
N VAL A 99 -14.76 13.89 15.38
CA VAL A 99 -13.37 14.01 14.98
C VAL A 99 -12.50 13.40 16.08
N ASN A 100 -11.94 12.22 15.81
CA ASN A 100 -11.00 11.59 16.72
C ASN A 100 -9.62 12.17 16.46
N ASN A 101 -9.25 13.15 17.28
CA ASN A 101 -8.02 13.89 17.08
C ASN A 101 -7.03 13.75 18.25
N ALA A 102 -7.50 13.24 19.38
CA ALA A 102 -6.62 13.06 20.53
C ALA A 102 -5.53 12.07 20.14
N GLY A 103 -4.33 12.27 20.68
CA GLY A 103 -3.22 11.41 20.30
C GLY A 103 -2.01 11.59 21.18
N VAL A 104 -1.28 10.51 21.41
CA VAL A 104 -0.03 10.54 22.16
C VAL A 104 1.16 10.42 21.21
N ILE A 105 2.10 11.34 21.31
CA ILE A 105 3.36 11.27 20.56
C ILE A 105 4.36 10.45 21.38
N SER A 106 5.07 9.57 20.72
CA SER A 106 6.10 8.77 21.37
C SER A 106 7.20 8.52 20.38
N ARG A 107 8.29 7.89 20.83
CA ARG A 107 9.40 7.61 19.94
C ARG A 107 10.27 6.53 20.53
N GLY A 108 11.13 5.96 19.69
CA GLY A 108 12.02 4.91 20.11
C GLY A 108 11.84 3.63 19.33
N ARG A 109 12.90 2.85 19.28
CA ARG A 109 12.82 1.48 18.82
C ARG A 109 12.05 0.69 19.87
N ILE A 110 11.53 -0.46 19.47
CA ILE A 110 10.72 -1.26 20.37
C ILE A 110 11.51 -1.64 21.63
N THR A 111 12.82 -1.72 21.51
CA THR A 111 13.66 -2.05 22.66
C THR A 111 13.75 -0.92 23.67
N GLU A 112 13.32 0.27 23.28
CA GLU A 112 13.34 1.43 24.16
C GLU A 112 11.91 1.78 24.57
N THR A 113 10.99 0.85 24.37
CA THR A 113 9.58 1.11 24.63
C THR A 113 9.18 0.38 25.91
N THR A 114 8.73 1.14 26.90
CA THR A 114 8.37 0.58 28.19
C THR A 114 6.90 0.15 28.21
N ASP A 115 6.53 -0.63 29.22
CA ASP A 115 5.14 -1.01 29.42
C ASP A 115 4.24 0.19 29.59
N ALA A 116 4.72 1.21 30.28
CA ALA A 116 3.88 2.38 30.49
C ALA A 116 3.69 3.12 29.16
N ASP A 117 4.76 3.23 28.36
CA ASP A 117 4.65 3.85 27.03
C ASP A 117 3.57 3.11 26.26
N TRP A 118 3.66 1.78 26.30
CA TRP A 118 2.73 0.93 25.57
C TRP A 118 1.28 1.22 25.97
N SER A 119 0.99 1.19 27.27
CA SER A 119 -0.39 1.33 27.73
C SER A 119 -0.96 2.68 27.37
N LEU A 120 -0.16 3.72 27.57
CA LEU A 120 -0.60 5.07 27.25
C LEU A 120 -0.94 5.25 25.76
N SER A 121 -0.05 4.85 24.87
CA SER A 121 -0.29 4.98 23.43
C SER A 121 -1.42 4.09 22.89
N LEU A 122 -1.44 2.82 23.28
CA LEU A 122 -2.56 1.97 22.87
C LEU A 122 -3.88 2.55 23.38
N GLY A 123 -3.92 2.92 24.65
CA GLY A 123 -5.14 3.43 25.24
C GLY A 123 -5.71 4.66 24.55
N VAL A 124 -4.86 5.62 24.23
CA VAL A 124 -5.37 6.87 23.69
C VAL A 124 -5.45 6.84 22.17
N ASN A 125 -4.48 6.23 21.50
CA ASN A 125 -4.44 6.31 20.03
C ASN A 125 -5.37 5.31 19.34
N VAL A 126 -5.71 4.22 20.01
CA VAL A 126 -6.42 3.12 19.37
C VAL A 126 -7.69 2.71 20.10
N GLU A 127 -7.54 2.33 21.37
CA GLU A 127 -8.69 1.89 22.16
C GLU A 127 -9.74 2.99 22.33
N ALA A 128 -9.29 4.21 22.60
CA ALA A 128 -10.23 5.32 22.75
C ALA A 128 -11.07 5.59 21.49
N PRO A 129 -10.43 5.76 20.33
CA PRO A 129 -11.21 5.86 19.09
C PRO A 129 -12.18 4.68 18.90
N PHE A 130 -11.74 3.48 19.26
CA PHE A 130 -12.58 2.29 19.15
C PHE A 130 -13.85 2.44 20.00
N ARG A 131 -13.66 2.84 21.25
CA ARG A 131 -14.80 3.01 22.15
C ARG A 131 -15.76 4.11 21.67
N ILE A 132 -15.21 5.22 21.21
CA ILE A 132 -16.02 6.36 20.80
C ILE A 132 -16.83 5.99 19.57
N CYS A 133 -16.19 5.38 18.57
CA CYS A 133 -16.88 4.94 17.37
C CYS A 133 -17.94 3.88 17.66
N ARG A 134 -17.58 2.88 18.46
CA ARG A 134 -18.54 1.86 18.88
C ARG A 134 -19.82 2.49 19.49
N ALA A 135 -19.65 3.56 20.27
CA ALA A 135 -20.80 4.26 20.87
C ALA A 135 -21.52 5.23 19.91
N ALA A 136 -20.75 5.91 19.06
CA ALA A 136 -21.32 6.92 18.18
C ALA A 136 -22.15 6.32 17.03
N ILE A 137 -21.75 5.15 16.57
CA ILE A 137 -22.33 4.59 15.35
C ILE A 137 -23.83 4.28 15.45
N PRO A 138 -24.26 3.64 16.55
CA PRO A 138 -25.69 3.38 16.72
C PRO A 138 -26.50 4.67 16.75
N LEU A 139 -25.97 5.70 17.41
CA LEU A 139 -26.64 7.01 17.45
C LEU A 139 -26.77 7.61 16.04
N MSE A 140 -25.68 7.58 15.29
CA MSE A 140 -25.72 8.13 13.93
C MSE A 140 -26.58 7.28 13.00
O MSE A 140 -27.31 7.81 12.18
CB MSE A 140 -24.31 8.24 13.36
CG MSE A 140 -23.48 9.28 14.05
SE MSE A 140 -21.64 9.21 13.37
CE MSE A 140 -20.99 10.87 14.17
N ALA A 141 -26.52 5.96 13.16
CA ALA A 141 -27.34 5.09 12.34
C ALA A 141 -28.81 5.40 12.56
N ALA A 142 -29.20 5.57 13.82
CA ALA A 142 -30.60 5.85 14.15
C ALA A 142 -31.04 7.19 13.56
N ALA A 143 -30.14 8.16 13.51
CA ALA A 143 -30.45 9.48 12.98
C ALA A 143 -30.41 9.57 11.45
N GLY A 144 -29.95 8.51 10.78
CA GLY A 144 -29.94 8.50 9.33
C GLY A 144 -28.60 8.77 8.66
N GLY A 145 -27.54 8.86 9.46
CA GLY A 145 -26.21 9.04 8.91
C GLY A 145 -25.35 9.98 9.71
N GLY A 146 -24.11 10.17 9.25
CA GLY A 146 -23.17 11.02 9.94
C GLY A 146 -21.77 10.89 9.36
N ALA A 147 -20.81 11.52 10.01
CA ALA A 147 -19.44 11.48 9.55
C ALA A 147 -18.46 11.31 10.71
N ILE A 148 -17.51 10.39 10.56
CA ILE A 148 -16.44 10.30 11.55
C ILE A 148 -15.12 10.53 10.83
N VAL A 149 -14.28 11.38 11.42
CA VAL A 149 -12.97 11.65 10.84
C VAL A 149 -11.91 11.36 11.87
N ASN A 150 -11.04 10.42 11.54
CA ASN A 150 -9.93 10.06 12.39
C ASN A 150 -8.66 10.76 11.91
N VAL A 151 -7.94 11.38 12.84
CA VAL A 151 -6.65 11.99 12.53
C VAL A 151 -5.55 10.98 12.86
N ALA A 152 -5.01 10.34 11.84
CA ALA A 152 -3.98 9.32 12.01
C ALA A 152 -2.64 9.94 11.63
N SER A 153 -1.85 9.27 10.80
CA SER A 153 -0.58 9.82 10.35
C SER A 153 -0.02 9.01 9.21
N CYS A 154 0.79 9.66 8.36
CA CYS A 154 1.54 8.94 7.34
C CYS A 154 2.51 7.95 8.01
N TRP A 155 3.02 8.33 9.18
CA TRP A 155 3.85 7.43 10.00
C TRP A 155 2.95 6.32 10.51
N GLY A 156 3.08 5.13 9.94
CA GLY A 156 2.13 4.07 10.20
C GLY A 156 1.49 3.54 8.92
N LEU A 157 1.23 4.43 7.95
CA LEU A 157 0.89 3.98 6.59
C LEU A 157 2.15 3.40 5.98
N ARG A 158 3.26 4.08 6.24
CA ARG A 158 4.57 3.56 5.91
C ARG A 158 5.39 3.52 7.20
N PRO A 159 6.30 2.54 7.30
CA PRO A 159 7.17 2.41 8.47
C PRO A 159 8.24 3.48 8.47
N GLY A 160 8.62 3.95 9.65
CA GLY A 160 9.73 4.88 9.80
C GLY A 160 10.65 4.39 10.91
N PRO A 161 11.86 4.95 10.96
CA PRO A 161 12.81 4.38 11.92
C PRO A 161 12.62 5.04 13.28
N GLY A 162 12.94 4.34 14.36
CA GLY A 162 12.89 4.93 15.69
C GLY A 162 11.55 5.37 16.26
N HIS A 163 10.44 4.83 15.77
CA HIS A 163 9.12 5.20 16.29
C HIS A 163 8.14 4.05 16.16
N ALA A 164 8.51 2.88 16.69
CA ALA A 164 7.74 1.66 16.40
C ALA A 164 6.33 1.74 16.98
N LEU A 165 6.25 2.22 18.22
CA LEU A 165 4.95 2.30 18.91
C LEU A 165 4.03 3.29 18.23
N TYR A 166 4.55 4.48 17.95
CA TYR A 166 3.76 5.49 17.26
C TYR A 166 3.20 4.94 15.94
N CYS A 167 4.06 4.36 15.10
CA CYS A 167 3.62 3.80 13.82
C CYS A 167 2.57 2.70 13.97
N LEU A 168 2.80 1.74 14.87
CA LEU A 168 1.82 0.65 14.97
C LEU A 168 0.43 1.13 15.43
N THR A 169 0.37 2.14 16.30
CA THR A 169 -0.95 2.63 16.70
C THR A 169 -1.62 3.39 15.56
N LYS A 170 -0.86 4.13 14.77
CA LYS A 170 -1.44 4.83 13.62
C LYS A 170 -1.87 3.85 12.52
N ALA A 171 -1.13 2.75 12.37
CA ALA A 171 -1.52 1.71 11.43
C ALA A 171 -2.80 0.99 11.91
N ALA A 172 -2.92 0.77 13.22
CA ALA A 172 -4.15 0.19 13.77
C ALA A 172 -5.32 1.12 13.52
N LEU A 173 -5.11 2.42 13.73
CA LEU A 173 -6.19 3.39 13.55
C LEU A 173 -6.62 3.54 12.08
N ALA A 174 -5.64 3.53 11.17
CA ALA A 174 -5.95 3.59 9.74
C ALA A 174 -6.77 2.37 9.30
N SER A 175 -6.39 1.20 9.82
CA SER A 175 -7.08 -0.03 9.49
C SER A 175 -8.52 0.00 9.99
N LEU A 176 -8.68 0.42 11.24
CA LEU A 176 -10.00 0.57 11.84
C LEU A 176 -10.88 1.48 10.97
N THR A 177 -10.33 2.62 10.61
CA THR A 177 -11.04 3.56 9.73
C THR A 177 -11.51 2.85 8.46
N GLN A 178 -10.62 2.13 7.80
CA GLN A 178 -11.01 1.46 6.54
C GLN A 178 -12.03 0.33 6.72
N CYS A 179 -11.88 -0.48 7.75
CA CYS A 179 -12.88 -1.50 8.06
C CYS A 179 -14.23 -0.89 8.48
N MSE A 180 -14.22 0.06 9.40
CA MSE A 180 -15.47 0.71 9.81
C MSE A 180 -16.07 1.41 8.60
O MSE A 180 -17.29 1.46 8.43
CB MSE A 180 -15.22 1.74 10.90
CG MSE A 180 -14.74 1.15 12.21
SE MSE A 180 -14.75 2.52 13.65
CE MSE A 180 -13.59 3.89 12.86
N GLY A 181 -15.21 1.97 7.76
CA GLY A 181 -15.69 2.75 6.63
C GLY A 181 -16.52 1.84 5.74
N MSE A 182 -16.08 0.59 5.58
CA MSE A 182 -16.80 -0.33 4.73
C MSE A 182 -18.00 -0.97 5.45
O MSE A 182 -19.05 -1.20 4.86
CB MSE A 182 -15.86 -1.35 4.03
CG MSE A 182 -15.73 -2.75 4.62
SE MSE A 182 -14.66 -3.90 3.65
CE MSE A 182 -13.71 -2.76 2.68
N ASP A 183 -17.88 -1.18 6.77
CA ASP A 183 -18.96 -1.78 7.55
C ASP A 183 -20.18 -0.87 7.78
N HIS A 184 -19.98 0.45 7.81
CA HIS A 184 -21.06 1.33 8.24
C HIS A 184 -21.54 2.29 7.18
N ALA A 185 -20.90 2.24 6.02
CA ALA A 185 -21.36 2.98 4.86
C ALA A 185 -22.85 2.73 4.59
N PRO A 186 -23.32 1.48 4.72
CA PRO A 186 -24.73 1.18 4.45
C PRO A 186 -25.70 1.95 5.36
N GLN A 187 -25.23 2.39 6.52
CA GLN A 187 -26.05 3.18 7.45
C GLN A 187 -25.87 4.69 7.22
N GLY A 188 -25.25 5.06 6.10
CA GLY A 188 -25.07 6.47 5.78
C GLY A 188 -23.98 7.14 6.63
N ILE A 189 -23.14 6.33 7.26
CA ILE A 189 -22.06 6.88 8.09
C ILE A 189 -20.74 6.83 7.31
N ARG A 190 -20.14 8.00 7.13
CA ARG A 190 -18.93 8.14 6.33
C ARG A 190 -17.72 8.25 7.25
N ILE A 191 -16.86 7.26 7.20
CA ILE A 191 -15.76 7.18 8.13
C ILE A 191 -14.45 7.19 7.35
N ASN A 192 -13.64 8.20 7.58
CA ASN A 192 -12.44 8.47 6.78
C ASN A 192 -11.36 8.99 7.69
N ALA A 193 -10.15 9.17 7.16
CA ALA A 193 -9.05 9.65 7.99
C ALA A 193 -8.22 10.71 7.31
N VAL A 194 -7.61 11.58 8.09
CA VAL A 194 -6.64 12.54 7.60
C VAL A 194 -5.32 12.12 8.17
N CYS A 195 -4.30 12.04 7.31
CA CYS A 195 -3.00 11.53 7.72
C CYS A 195 -1.90 12.56 7.46
N PRO A 196 -1.62 13.41 8.46
CA PRO A 196 -0.58 14.43 8.32
C PRO A 196 0.79 13.80 8.40
N ASN A 197 1.80 14.60 8.10
CA ASN A 197 3.17 14.22 8.40
C ASN A 197 3.77 15.24 9.38
N GLU A 198 4.39 16.29 8.85
CA GLU A 198 4.94 17.38 9.70
C GLU A 198 3.92 18.48 9.96
N VAL A 199 3.73 18.86 11.22
CA VAL A 199 2.74 19.89 11.60
C VAL A 199 3.30 20.86 12.64
N ASN A 200 3.12 22.15 12.40
CA ASN A 200 3.54 23.20 13.33
C ASN A 200 2.53 23.28 14.47
N THR A 201 3.02 23.20 15.70
CA THR A 201 2.15 23.27 16.88
C THR A 201 2.85 24.05 17.99
N PRO A 202 2.06 24.58 18.94
CA PRO A 202 2.61 25.29 20.11
C PRO A 202 3.67 24.44 20.80
N MSE A 203 3.39 23.17 21.00
CA MSE A 203 4.33 22.29 21.70
C MSE A 203 5.61 21.99 20.90
O MSE A 203 6.68 21.81 21.49
CB MSE A 203 3.63 21.02 22.14
CG MSE A 203 2.75 21.21 23.39
SE MSE A 203 3.54 22.41 24.75
CE MSE A 203 5.11 21.37 25.27
N LEU A 204 5.51 21.94 19.58
CA LEU A 204 6.72 21.78 18.77
C LEU A 204 7.61 23.01 18.99
N ARG A 205 7.00 24.18 18.90
CA ARG A 205 7.73 25.43 19.10
C ARG A 205 8.30 25.56 20.52
N THR A 206 7.52 25.19 21.53
CA THR A 206 8.01 25.19 22.91
C THR A 206 9.25 24.29 23.07
N GLY A 207 9.16 23.06 22.57
CA GLY A 207 10.31 22.18 22.49
C GLY A 207 11.55 22.87 21.94
N PHE A 208 11.41 23.58 20.82
CA PHE A 208 12.56 24.28 20.23
C PHE A 208 13.12 25.38 21.17
N ALA A 209 12.23 26.22 21.69
CA ALA A 209 12.63 27.29 22.60
C ALA A 209 13.37 26.75 23.83
N LYS A 210 12.89 25.64 24.38
CA LYS A 210 13.50 25.06 25.56
C LYS A 210 14.90 24.48 25.28
N ARG A 211 15.17 24.14 24.03
CA ARG A 211 16.48 23.61 23.66
C ARG A 211 17.38 24.72 23.12
N GLY A 212 16.91 25.96 23.18
CA GLY A 212 17.73 27.10 22.79
C GLY A 212 17.67 27.48 21.33
N PHE A 213 16.71 26.94 20.60
CA PHE A 213 16.52 27.30 19.20
C PHE A 213 15.39 28.30 19.03
N ASP A 214 15.60 29.28 18.16
CA ASP A 214 14.54 30.17 17.73
C ASP A 214 13.51 29.30 17.01
N PRO A 215 12.29 29.21 17.57
CA PRO A 215 11.29 28.30 16.98
C PRO A 215 10.91 28.62 15.53
N ASP A 216 10.81 29.89 15.17
CA ASP A 216 10.47 30.28 13.79
C ASP A 216 11.55 29.79 12.81
N ARG A 217 12.81 29.98 13.17
CA ARG A 217 13.90 29.49 12.34
C ARG A 217 13.95 27.95 12.29
N ALA A 218 13.76 27.30 13.44
CA ALA A 218 13.75 25.83 13.50
C ALA A 218 12.59 25.26 12.66
N VAL A 219 11.45 25.93 12.68
CA VAL A 219 10.30 25.50 11.90
C VAL A 219 10.58 25.65 10.39
N ALA A 220 11.20 26.76 10.01
CA ALA A 220 11.55 26.98 8.59
C ALA A 220 12.52 25.91 8.12
N GLU A 221 13.54 25.65 8.92
CA GLU A 221 14.52 24.62 8.57
C GLU A 221 13.86 23.25 8.40
N LEU A 222 12.91 22.92 9.28
CA LEU A 222 12.20 21.66 9.20
C LEU A 222 11.38 21.67 7.90
N GLY A 223 10.85 22.83 7.54
CA GLY A 223 10.09 22.97 6.31
C GLY A 223 10.89 22.66 5.05
N ARG A 224 12.19 22.91 5.09
CA ARG A 224 13.03 22.66 3.93
C ARG A 224 13.22 21.18 3.65
N THR A 225 12.84 20.34 4.62
CA THR A 225 12.86 18.90 4.40
C THR A 225 11.56 18.41 3.73
N VAL A 226 10.61 19.31 3.54
CA VAL A 226 9.33 18.98 2.90
C VAL A 226 9.35 19.53 1.48
N PRO A 227 8.97 18.69 0.49
CA PRO A 227 9.01 19.19 -0.90
C PRO A 227 8.26 20.52 -1.11
N LEU A 228 7.09 20.68 -0.50
CA LEU A 228 6.34 21.93 -0.58
C LEU A 228 7.13 23.10 0.02
N GLY A 229 8.02 22.82 0.98
CA GLY A 229 8.88 23.86 1.52
C GLY A 229 8.51 24.40 2.88
N ARG A 230 7.47 23.82 3.49
CA ARG A 230 7.08 24.22 4.85
C ARG A 230 6.35 23.07 5.49
N ILE A 231 6.31 23.06 6.82
CA ILE A 231 5.47 22.11 7.52
C ILE A 231 4.03 22.63 7.54
N ALA A 232 3.08 21.74 7.82
CA ALA A 232 1.68 22.13 7.85
C ALA A 232 1.39 23.05 9.03
N GLU A 233 0.46 23.98 8.83
CA GLU A 233 -0.16 24.68 9.94
C GLU A 233 -1.38 23.85 10.35
N PRO A 234 -1.82 24.01 11.59
CA PRO A 234 -3.02 23.28 12.03
C PRO A 234 -4.21 23.49 11.09
N GLU A 235 -4.36 24.67 10.50
CA GLU A 235 -5.44 24.96 9.56
C GLU A 235 -5.34 24.16 8.25
N ASP A 236 -4.12 23.88 7.81
CA ASP A 236 -3.92 23.01 6.65
C ASP A 236 -4.61 21.67 6.90
N ILE A 237 -4.49 21.18 8.14
CA ILE A 237 -5.09 19.90 8.49
C ILE A 237 -6.60 20.04 8.72
N ALA A 238 -7.00 21.10 9.43
CA ALA A 238 -8.41 21.32 9.73
C ALA A 238 -9.24 21.47 8.45
N ASP A 239 -8.71 22.17 7.47
CA ASP A 239 -9.43 22.33 6.21
C ASP A 239 -9.77 21.00 5.54
N VAL A 240 -8.87 20.02 5.67
CA VAL A 240 -9.12 18.69 5.14
C VAL A 240 -10.13 17.93 6.00
N VAL A 241 -10.07 18.11 7.31
CA VAL A 241 -11.09 17.53 8.19
C VAL A 241 -12.48 18.03 7.80
N LEU A 242 -12.63 19.33 7.59
CA LEU A 242 -13.92 19.89 7.19
C LEU A 242 -14.41 19.36 5.85
N PHE A 243 -13.52 19.28 4.86
CA PHE A 243 -13.90 18.62 3.62
C PHE A 243 -14.49 17.23 3.84
N LEU A 244 -13.81 16.42 4.67
CA LEU A 244 -14.24 15.03 4.89
C LEU A 244 -15.59 14.97 5.58
N ALA A 245 -15.84 15.93 6.47
CA ALA A 245 -17.12 16.01 7.18
C ALA A 245 -18.24 16.62 6.32
N SER A 246 -17.87 17.20 5.18
CA SER A 246 -18.81 17.94 4.33
C SER A 246 -19.51 17.09 3.27
N ASP A 247 -20.53 17.66 2.64
CA ASP A 247 -21.24 16.98 1.57
C ASP A 247 -20.39 16.81 0.31
N ALA A 248 -19.35 17.60 0.15
CA ALA A 248 -18.40 17.40 -0.94
C ALA A 248 -17.75 16.02 -0.91
N ALA A 249 -17.69 15.41 0.28
CA ALA A 249 -17.03 14.14 0.48
C ALA A 249 -18.05 13.02 0.65
N ARG A 250 -19.25 13.24 0.15
CA ARG A 250 -20.34 12.31 0.37
C ARG A 250 -20.09 10.92 -0.19
N TYR A 251 -19.15 10.79 -1.12
CA TYR A 251 -18.87 9.45 -1.65
C TYR A 251 -17.57 8.84 -1.11
N LEU A 252 -16.91 9.51 -0.17
CA LEU A 252 -15.71 8.92 0.44
C LEU A 252 -16.09 8.11 1.65
N CYS A 253 -15.75 6.83 1.63
CA CYS A 253 -15.95 5.92 2.75
C CYS A 253 -14.70 5.07 2.94
N GLY A 254 -14.12 5.13 4.14
CA GLY A 254 -12.93 4.37 4.44
C GLY A 254 -11.67 4.88 3.75
N SER A 255 -11.67 6.13 3.30
CA SER A 255 -10.49 6.71 2.64
C SER A 255 -9.50 7.28 3.64
N LEU A 256 -8.22 7.11 3.34
CA LEU A 256 -7.14 7.65 4.14
C LEU A 256 -6.49 8.74 3.30
N VAL A 257 -6.74 9.99 3.68
CA VAL A 257 -6.29 11.14 2.90
C VAL A 257 -4.99 11.65 3.47
N GLU A 258 -3.91 11.49 2.73
CA GLU A 258 -2.61 11.96 3.18
C GLU A 258 -2.45 13.45 2.91
N VAL A 259 -1.95 14.15 3.92
CA VAL A 259 -1.75 15.58 3.85
C VAL A 259 -0.33 15.86 4.32
N ASN A 260 0.63 15.70 3.41
CA ASN A 260 2.03 15.64 3.81
C ASN A 260 3.00 16.59 3.08
N GLY A 261 2.48 17.45 2.21
CA GLY A 261 3.35 18.40 1.52
C GLY A 261 4.33 17.69 0.59
N GLY A 262 4.04 16.43 0.30
CA GLY A 262 4.91 15.63 -0.54
C GLY A 262 6.01 14.90 0.22
N LYS A 263 6.05 15.05 1.54
CA LYS A 263 7.18 14.51 2.30
C LYS A 263 6.94 13.05 2.68
N ALA A 264 7.84 12.19 2.18
CA ALA A 264 7.86 10.78 2.55
C ALA A 264 8.25 10.54 4.02
N VAL A 265 7.70 9.48 4.60
CA VAL A 265 8.08 9.04 5.95
C VAL A 265 9.58 8.70 5.99
N ALA A 266 10.32 9.32 6.91
CA ALA A 266 11.74 9.02 7.10
C ALA A 266 12.28 9.66 8.38
N GLN B 24 12.28 -34.08 -9.12
CA GLN B 24 12.29 -33.23 -7.92
C GLN B 24 12.92 -31.85 -8.18
N GLY B 25 12.36 -30.83 -7.53
CA GLY B 25 12.86 -29.47 -7.64
C GLY B 25 12.81 -28.94 -9.05
N PHE B 26 13.93 -28.38 -9.50
CA PHE B 26 14.03 -27.78 -10.82
C PHE B 26 14.54 -28.78 -11.87
N GLU B 27 14.88 -29.99 -11.42
CA GLU B 27 15.41 -31.02 -12.31
C GLU B 27 14.47 -31.25 -13.47
N GLY B 28 14.98 -31.10 -14.69
CA GLY B 28 14.22 -31.40 -15.89
C GLY B 28 13.34 -30.26 -16.38
N LYS B 29 13.30 -29.16 -15.61
CA LYS B 29 12.49 -28.02 -16.01
C LYS B 29 13.21 -27.10 -17.00
N VAL B 30 12.45 -26.28 -17.72
CA VAL B 30 13.04 -25.29 -18.61
C VAL B 30 12.64 -23.86 -18.26
N ALA B 31 13.62 -22.98 -18.25
CA ALA B 31 13.41 -21.59 -17.89
C ALA B 31 13.87 -20.67 -19.01
N LEU B 32 13.16 -19.56 -19.16
CA LEU B 32 13.62 -18.43 -19.96
C LEU B 32 14.02 -17.31 -19.00
N VAL B 33 15.21 -16.74 -19.19
CA VAL B 33 15.62 -15.58 -18.40
C VAL B 33 15.99 -14.46 -19.34
N THR B 34 15.36 -13.30 -19.19
CA THR B 34 15.76 -12.13 -19.96
C THR B 34 16.77 -11.27 -19.18
N GLY B 35 17.37 -10.30 -19.86
CA GLY B 35 18.44 -9.52 -19.26
C GLY B 35 19.51 -10.45 -18.73
N ALA B 36 19.76 -11.54 -19.47
CA ALA B 36 20.62 -12.61 -18.97
C ALA B 36 22.12 -12.28 -18.91
N ALA B 37 22.55 -11.23 -19.60
CA ALA B 37 23.95 -10.81 -19.54
C ALA B 37 24.25 -9.88 -18.36
N GLY B 38 23.20 -9.30 -17.77
CA GLY B 38 23.35 -8.40 -16.64
C GLY B 38 23.58 -9.12 -15.32
N GLY B 39 23.72 -8.36 -14.24
CA GLY B 39 24.05 -8.91 -12.93
C GLY B 39 23.04 -9.93 -12.40
N ILE B 40 21.83 -9.49 -12.14
CA ILE B 40 20.80 -10.39 -11.59
C ILE B 40 20.45 -11.50 -12.56
N GLY B 41 20.27 -11.16 -13.83
CA GLY B 41 19.99 -12.17 -14.83
C GLY B 41 21.02 -13.30 -14.81
N GLY B 42 22.29 -12.93 -14.81
CA GLY B 42 23.38 -13.88 -14.84
C GLY B 42 23.39 -14.76 -13.61
N ALA B 43 23.12 -14.17 -12.46
CA ALA B 43 23.03 -14.94 -11.22
C ALA B 43 21.85 -15.90 -11.24
N VAL B 44 20.74 -15.50 -11.86
CA VAL B 44 19.55 -16.36 -11.92
C VAL B 44 19.81 -17.52 -12.87
N VAL B 45 20.49 -17.25 -13.99
CA VAL B 45 20.82 -18.34 -14.91
C VAL B 45 21.71 -19.39 -14.22
N THR B 46 22.75 -18.93 -13.53
CA THR B 46 23.67 -19.85 -12.87
C THR B 46 22.96 -20.70 -11.81
N ALA B 47 22.18 -20.05 -10.96
CA ALA B 47 21.46 -20.73 -9.90
C ALA B 47 20.50 -21.77 -10.49
N LEU B 48 19.74 -21.42 -11.55
CA LEU B 48 18.82 -22.38 -12.16
C LEU B 48 19.58 -23.55 -12.80
N ARG B 49 20.62 -23.33 -13.44
CA ARG B 49 21.31 -24.46 -14.04
C ARG B 49 21.95 -25.36 -12.99
N ALA B 50 22.48 -24.78 -11.92
CA ALA B 50 23.01 -25.56 -10.80
C ALA B 50 21.94 -26.41 -10.11
N ALA B 51 20.69 -25.94 -10.14
CA ALA B 51 19.58 -26.67 -9.52
C ALA B 51 19.00 -27.72 -10.49
N GLY B 52 19.55 -27.75 -11.69
CA GLY B 52 19.21 -28.80 -12.64
C GLY B 52 18.29 -28.42 -13.78
N ALA B 53 17.91 -27.14 -13.87
CA ALA B 53 17.06 -26.71 -14.97
C ALA B 53 17.89 -26.45 -16.22
N ARG B 54 17.29 -26.64 -17.38
CA ARG B 54 17.91 -26.12 -18.60
C ARG B 54 17.41 -24.69 -18.77
N VAL B 55 18.29 -23.79 -19.17
CA VAL B 55 17.96 -22.40 -19.25
C VAL B 55 18.21 -21.83 -20.64
N ALA B 56 17.21 -21.15 -21.18
CA ALA B 56 17.34 -20.34 -22.38
C ALA B 56 17.62 -18.90 -21.98
N VAL B 57 18.69 -18.33 -22.51
CA VAL B 57 19.06 -16.96 -22.16
C VAL B 57 18.72 -15.96 -23.27
N ALA B 58 18.20 -14.81 -22.87
CA ALA B 58 17.90 -13.74 -23.80
C ALA B 58 18.49 -12.43 -23.28
N ASP B 59 19.12 -11.70 -24.20
CA ASP B 59 19.64 -10.36 -23.98
C ASP B 59 20.03 -9.85 -25.37
N ARG B 60 20.52 -8.60 -25.44
CA ARG B 60 20.94 -8.03 -26.73
C ARG B 60 21.97 -8.94 -27.40
N ALA B 61 22.93 -9.42 -26.62
CA ALA B 61 23.91 -10.41 -27.10
C ALA B 61 24.13 -11.41 -25.97
N VAL B 62 24.21 -12.69 -26.31
CA VAL B 62 24.36 -13.72 -25.28
C VAL B 62 25.42 -14.77 -25.57
N ALA B 63 26.25 -14.54 -26.58
CA ALA B 63 27.18 -15.55 -27.04
C ALA B 63 28.14 -16.11 -25.98
N GLY B 64 28.58 -15.26 -25.05
CA GLY B 64 29.50 -15.71 -24.03
C GLY B 64 28.87 -16.52 -22.89
N ILE B 65 27.55 -16.58 -22.85
CA ILE B 65 26.85 -17.14 -21.69
C ILE B 65 26.70 -18.66 -21.75
N ALA B 66 27.16 -19.36 -20.72
CA ALA B 66 26.89 -20.78 -20.60
C ALA B 66 25.40 -20.96 -20.37
N ALA B 67 24.74 -21.67 -21.27
CA ALA B 67 23.30 -21.79 -21.23
C ALA B 67 22.91 -22.94 -22.13
N ASP B 68 21.62 -23.26 -22.16
CA ASP B 68 21.16 -24.41 -22.91
C ASP B 68 20.48 -24.03 -24.23
N LEU B 69 20.17 -22.74 -24.38
CA LEU B 69 19.64 -22.21 -25.63
C LEU B 69 19.94 -20.73 -25.60
N HIS B 70 20.29 -20.17 -26.74
CA HIS B 70 20.69 -18.80 -26.83
C HIS B 70 19.73 -18.06 -27.74
N LEU B 71 19.10 -17.00 -27.21
CA LEU B 71 18.10 -16.27 -27.97
C LEU B 71 18.33 -14.78 -27.95
N PRO B 72 19.32 -14.30 -28.73
CA PRO B 72 19.63 -12.87 -28.68
C PRO B 72 18.53 -12.08 -29.36
N GLY B 73 18.35 -10.84 -28.93
CA GLY B 73 17.34 -10.00 -29.54
C GLY B 73 17.07 -8.73 -28.80
N ASP B 74 16.28 -7.87 -29.44
CA ASP B 74 15.97 -6.57 -28.89
C ASP B 74 14.53 -6.57 -28.39
N LEU B 75 14.37 -6.50 -27.08
CA LEU B 75 13.04 -6.60 -26.46
C LEU B 75 12.06 -5.55 -26.96
N ARG B 76 12.56 -4.47 -27.55
CA ARG B 76 11.66 -3.42 -28.04
C ARG B 76 10.97 -3.84 -29.33
N GLU B 77 11.51 -4.86 -30.00
CA GLU B 77 10.84 -5.40 -31.20
C GLU B 77 9.70 -6.35 -30.83
N ALA B 78 8.48 -5.95 -31.18
CA ALA B 78 7.28 -6.72 -30.85
C ALA B 78 7.44 -8.19 -31.23
N ALA B 79 7.89 -8.45 -32.45
CA ALA B 79 8.04 -9.82 -32.94
C ALA B 79 8.97 -10.69 -32.08
N TYR B 80 10.07 -10.10 -31.63
CA TYR B 80 11.03 -10.84 -30.81
C TYR B 80 10.46 -11.17 -29.43
N ALA B 81 9.92 -10.17 -28.75
CA ALA B 81 9.29 -10.38 -27.45
C ALA B 81 8.09 -11.32 -27.56
N ASP B 82 7.21 -11.11 -28.55
CA ASP B 82 6.06 -12.02 -28.76
C ASP B 82 6.53 -13.47 -28.95
N GLY B 83 7.62 -13.66 -29.67
CA GLY B 83 8.02 -15.00 -30.05
C GLY B 83 8.91 -15.75 -29.08
N LEU B 84 9.37 -15.09 -28.01
CA LEU B 84 10.37 -15.68 -27.11
C LEU B 84 9.91 -16.99 -26.45
N PRO B 85 8.73 -17.01 -25.81
CA PRO B 85 8.30 -18.26 -25.18
C PRO B 85 8.16 -19.43 -26.18
N GLY B 86 7.64 -19.14 -27.36
CA GLY B 86 7.46 -20.18 -28.36
C GLY B 86 8.80 -20.70 -28.85
N ALA B 87 9.78 -19.81 -29.00
CA ALA B 87 11.12 -20.23 -29.38
C ALA B 87 11.73 -21.13 -28.30
N VAL B 88 11.45 -20.84 -27.02
CA VAL B 88 11.97 -21.69 -25.97
C VAL B 88 11.29 -23.06 -26.00
N ALA B 89 9.96 -23.08 -26.13
CA ALA B 89 9.24 -24.35 -26.17
C ALA B 89 9.67 -25.21 -27.35
N ALA B 90 9.94 -24.58 -28.49
CA ALA B 90 10.38 -25.35 -29.66
C ALA B 90 11.79 -25.86 -29.47
N GLY B 91 12.64 -25.04 -28.87
CA GLY B 91 14.05 -25.34 -28.76
C GLY B 91 14.37 -26.31 -27.65
N LEU B 92 13.68 -26.19 -26.52
CA LEU B 92 14.00 -27.06 -25.38
C LEU B 92 12.87 -28.05 -25.08
N GLY B 93 11.77 -27.95 -25.82
CA GLY B 93 10.68 -28.90 -25.72
C GLY B 93 9.59 -28.57 -24.72
N ARG B 94 9.86 -27.61 -23.84
CA ARG B 94 8.90 -27.17 -22.84
C ARG B 94 9.27 -25.80 -22.25
N LEU B 95 8.37 -25.22 -21.44
CA LEU B 95 8.61 -23.95 -20.78
C LEU B 95 7.91 -23.94 -19.42
N ASP B 96 8.69 -24.02 -18.34
CA ASP B 96 8.16 -24.09 -16.97
C ASP B 96 8.24 -22.76 -16.24
N ILE B 97 9.27 -21.98 -16.55
CA ILE B 97 9.59 -20.80 -15.77
C ILE B 97 10.02 -19.66 -16.69
N VAL B 98 9.47 -18.47 -16.46
CA VAL B 98 9.92 -17.28 -17.17
C VAL B 98 10.38 -16.27 -16.12
N VAL B 99 11.62 -15.81 -16.22
CA VAL B 99 12.08 -14.70 -15.39
C VAL B 99 12.24 -13.42 -16.25
N ASN B 100 11.30 -12.47 -16.10
CA ASN B 100 11.38 -11.16 -16.75
C ASN B 100 12.32 -10.24 -15.98
N ASN B 101 13.58 -10.21 -16.38
CA ASN B 101 14.58 -9.53 -15.59
C ASN B 101 15.14 -8.31 -16.27
N ALA B 102 14.97 -8.23 -17.59
CA ALA B 102 15.51 -7.12 -18.35
C ALA B 102 14.85 -5.84 -17.92
N GLY B 103 15.64 -4.77 -17.82
CA GLY B 103 15.10 -3.47 -17.45
C GLY B 103 16.04 -2.35 -17.84
N VAL B 104 15.48 -1.19 -18.13
CA VAL B 104 16.29 -0.01 -18.45
C VAL B 104 16.30 0.91 -17.25
N ILE B 105 17.49 1.39 -16.90
CA ILE B 105 17.67 2.36 -15.82
C ILE B 105 17.50 3.75 -16.40
N SER B 106 16.72 4.60 -15.75
CA SER B 106 16.57 5.98 -16.21
C SER B 106 16.51 6.88 -14.99
N ARG B 107 16.64 8.19 -15.20
CA ARG B 107 16.43 9.10 -14.10
C ARG B 107 15.95 10.43 -14.60
N GLY B 108 15.43 11.26 -13.68
CA GLY B 108 15.06 12.61 -13.99
C GLY B 108 13.64 12.90 -13.56
N ARG B 109 13.35 14.17 -13.29
CA ARG B 109 11.97 14.61 -13.12
C ARG B 109 11.30 14.43 -14.48
N ILE B 110 9.99 14.43 -14.52
CA ILE B 110 9.26 14.23 -15.77
C ILE B 110 9.60 15.35 -16.77
N THR B 111 9.89 16.55 -16.27
CA THR B 111 10.25 17.67 -17.13
C THR B 111 11.60 17.46 -17.82
N GLU B 112 12.41 16.54 -17.33
CA GLU B 112 13.68 16.21 -17.99
C GLU B 112 13.66 14.86 -18.70
N THR B 113 12.46 14.38 -19.00
CA THR B 113 12.29 13.10 -19.64
C THR B 113 11.94 13.34 -21.11
N THR B 114 12.76 12.82 -22.01
CA THR B 114 12.55 12.99 -23.45
C THR B 114 11.58 11.95 -23.99
N ASP B 115 11.13 12.12 -25.23
CA ASP B 115 10.30 11.11 -25.88
C ASP B 115 11.08 9.81 -26.08
N ALA B 116 12.38 9.92 -26.38
CA ALA B 116 13.21 8.73 -26.52
C ALA B 116 13.36 7.97 -25.19
N ASP B 117 13.53 8.70 -24.09
CA ASP B 117 13.58 8.07 -22.77
C ASP B 117 12.27 7.28 -22.59
N TRP B 118 11.16 7.94 -22.86
CA TRP B 118 9.84 7.32 -22.70
C TRP B 118 9.71 6.01 -23.50
N SER B 119 9.99 6.08 -24.79
CA SER B 119 9.81 4.92 -25.67
C SER B 119 10.68 3.75 -25.22
N LEU B 120 11.89 4.06 -24.78
CA LEU B 120 12.82 3.04 -24.35
C LEU B 120 12.36 2.33 -23.07
N SER B 121 12.07 3.11 -22.03
CA SER B 121 11.67 2.50 -20.76
C SER B 121 10.32 1.75 -20.83
N LEU B 122 9.34 2.36 -21.46
CA LEU B 122 8.07 1.67 -21.61
C LEU B 122 8.26 0.40 -22.43
N GLY B 123 9.03 0.49 -23.51
CA GLY B 123 9.18 -0.65 -24.39
C GLY B 123 9.82 -1.85 -23.71
N VAL B 124 10.89 -1.62 -22.96
CA VAL B 124 11.58 -2.71 -22.29
C VAL B 124 10.99 -3.09 -20.93
N ASN B 125 10.60 -2.10 -20.12
CA ASN B 125 10.20 -2.39 -18.73
C ASN B 125 8.76 -2.87 -18.60
N VAL B 126 7.92 -2.55 -19.57
CA VAL B 126 6.49 -2.83 -19.44
C VAL B 126 5.95 -3.60 -20.64
N GLU B 127 6.15 -3.05 -21.83
CA GLU B 127 5.60 -3.67 -23.03
C GLU B 127 6.18 -5.06 -23.26
N ALA B 128 7.48 -5.22 -23.05
CA ALA B 128 8.11 -6.52 -23.31
C ALA B 128 7.60 -7.61 -22.37
N PRO B 129 7.58 -7.34 -21.06
CA PRO B 129 7.04 -8.40 -20.19
C PRO B 129 5.57 -8.68 -20.51
N PHE B 130 4.82 -7.65 -20.88
CA PHE B 130 3.43 -7.85 -21.31
C PHE B 130 3.40 -8.87 -22.47
N ARG B 131 4.24 -8.63 -23.49
CA ARG B 131 4.26 -9.52 -24.66
C ARG B 131 4.75 -10.93 -24.35
N ILE B 132 5.78 -11.03 -23.52
CA ILE B 132 6.30 -12.33 -23.13
C ILE B 132 5.26 -13.13 -22.34
N CYS B 133 4.59 -12.50 -21.38
CA CYS B 133 3.63 -13.21 -20.53
C CYS B 133 2.38 -13.58 -21.33
N ARG B 134 1.92 -12.66 -22.16
CA ARG B 134 0.80 -12.97 -23.06
C ARG B 134 1.09 -14.22 -23.90
N ALA B 135 2.31 -14.34 -24.39
CA ALA B 135 2.67 -15.52 -25.19
C ALA B 135 2.95 -16.76 -24.32
N ALA B 136 3.55 -16.56 -23.16
CA ALA B 136 3.96 -17.72 -22.34
C ALA B 136 2.78 -18.40 -21.66
N ILE B 137 1.80 -17.62 -21.23
CA ILE B 137 0.67 -18.13 -20.46
C ILE B 137 -0.10 -19.26 -21.15
N PRO B 138 -0.55 -19.05 -22.41
CA PRO B 138 -1.19 -20.19 -23.11
C PRO B 138 -0.34 -21.46 -23.16
N LEU B 139 0.98 -21.34 -23.34
CA LEU B 139 1.84 -22.52 -23.44
C LEU B 139 1.90 -23.24 -22.10
N MSE B 140 1.98 -22.48 -21.02
CA MSE B 140 2.06 -23.05 -19.69
C MSE B 140 0.71 -23.62 -19.26
O MSE B 140 0.63 -24.71 -18.65
CB MSE B 140 2.52 -21.99 -18.68
CG MSE B 140 3.96 -21.55 -18.86
SE MSE B 140 4.39 -20.09 -17.59
CE MSE B 140 6.32 -20.13 -17.75
N ALA B 141 -0.37 -22.91 -19.57
CA ALA B 141 -1.71 -23.39 -19.23
C ALA B 141 -1.94 -24.78 -19.84
N ALA B 142 -1.54 -24.95 -21.10
CA ALA B 142 -1.76 -26.20 -21.82
C ALA B 142 -0.96 -27.36 -21.24
N ALA B 143 0.13 -27.03 -20.54
CA ALA B 143 1.02 -28.04 -20.01
C ALA B 143 0.90 -28.28 -18.51
N GLY B 144 -0.14 -27.73 -17.87
CA GLY B 144 -0.41 -28.06 -16.48
C GLY B 144 0.05 -27.00 -15.50
N GLY B 145 0.72 -25.97 -15.99
CA GLY B 145 1.11 -24.86 -15.15
C GLY B 145 2.53 -24.35 -15.36
N GLY B 146 2.95 -23.48 -14.46
CA GLY B 146 4.28 -22.90 -14.53
C GLY B 146 4.44 -21.74 -13.56
N ALA B 147 5.55 -21.02 -13.72
CA ALA B 147 5.86 -19.92 -12.83
C ALA B 147 6.43 -18.78 -13.64
N ILE B 148 5.96 -17.57 -13.35
CA ILE B 148 6.53 -16.38 -13.94
C ILE B 148 6.98 -15.47 -12.81
N VAL B 149 8.24 -15.02 -12.87
CA VAL B 149 8.78 -14.10 -11.88
C VAL B 149 9.26 -12.84 -12.57
N ASN B 150 8.66 -11.72 -12.22
CA ASN B 150 9.06 -10.43 -12.75
C ASN B 150 9.98 -9.73 -11.76
N VAL B 151 11.09 -9.18 -12.24
CA VAL B 151 11.90 -8.34 -11.38
C VAL B 151 11.46 -6.88 -11.54
N ALA B 152 10.77 -6.37 -10.51
CA ALA B 152 10.25 -5.03 -10.52
C ALA B 152 11.15 -4.13 -9.64
N SER B 153 10.58 -3.29 -8.79
CA SER B 153 11.40 -2.47 -7.90
C SER B 153 10.54 -1.91 -6.78
N CYS B 154 11.15 -1.67 -5.62
CA CYS B 154 10.45 -0.94 -4.57
C CYS B 154 10.18 0.48 -5.05
N TRP B 155 11.03 0.98 -5.95
CA TRP B 155 10.80 2.27 -6.60
C TRP B 155 9.69 2.06 -7.59
N GLY B 156 8.52 2.62 -7.34
CA GLY B 156 7.35 2.29 -8.12
C GLY B 156 6.26 1.85 -7.15
N LEU B 157 6.64 1.01 -6.19
CA LEU B 157 5.72 0.61 -5.12
C LEU B 157 5.47 1.83 -4.25
N ARG B 158 6.56 2.56 -3.97
CA ARG B 158 6.49 3.88 -3.38
C ARG B 158 7.17 4.87 -4.32
N PRO B 159 6.73 6.13 -4.30
CA PRO B 159 7.34 7.15 -5.15
C PRO B 159 8.69 7.57 -4.60
N GLY B 160 9.56 8.05 -5.48
CA GLY B 160 10.86 8.54 -5.09
C GLY B 160 11.16 9.75 -5.93
N PRO B 161 12.03 10.63 -5.43
CA PRO B 161 12.36 11.88 -6.11
C PRO B 161 13.21 11.66 -7.36
N GLY B 162 12.95 12.43 -8.41
CA GLY B 162 13.86 12.47 -9.57
C GLY B 162 14.01 11.20 -10.41
N HIS B 163 13.00 10.36 -10.42
CA HIS B 163 13.02 9.14 -11.20
C HIS B 163 11.62 8.78 -11.68
N ALA B 164 10.91 9.76 -12.23
CA ALA B 164 9.49 9.57 -12.52
C ALA B 164 9.20 8.41 -13.48
N LEU B 165 9.94 8.36 -14.59
CA LEU B 165 9.74 7.33 -15.60
C LEU B 165 10.07 5.93 -15.07
N TYR B 166 11.19 5.81 -14.37
CA TYR B 166 11.56 4.54 -13.78
C TYR B 166 10.47 4.02 -12.86
N CYS B 167 10.03 4.86 -11.93
CA CYS B 167 8.99 4.49 -11.00
C CYS B 167 7.70 4.04 -11.70
N LEU B 168 7.22 4.80 -12.68
CA LEU B 168 5.92 4.46 -13.27
C LEU B 168 6.00 3.14 -14.02
N THR B 169 7.12 2.87 -14.67
CA THR B 169 7.25 1.58 -15.36
C THR B 169 7.29 0.41 -14.37
N LYS B 170 7.94 0.61 -13.22
CA LYS B 170 7.99 -0.44 -12.20
C LYS B 170 6.62 -0.62 -11.52
N ALA B 171 5.89 0.47 -11.30
CA ALA B 171 4.54 0.40 -10.78
C ALA B 171 3.65 -0.36 -11.76
N ALA B 172 3.80 -0.05 -13.05
CA ALA B 172 2.98 -0.70 -14.07
C ALA B 172 3.23 -2.22 -14.04
N LEU B 173 4.50 -2.61 -14.00
CA LEU B 173 4.89 -4.03 -13.96
C LEU B 173 4.39 -4.73 -12.72
N ALA B 174 4.50 -4.05 -11.57
CA ALA B 174 3.97 -4.58 -10.31
C ALA B 174 2.46 -4.82 -10.40
N SER B 175 1.73 -3.85 -10.93
CA SER B 175 0.30 -3.99 -11.09
C SER B 175 -0.02 -5.17 -12.01
N LEU B 176 0.70 -5.26 -13.13
CA LEU B 176 0.48 -6.34 -14.09
C LEU B 176 0.73 -7.70 -13.44
N THR B 177 1.79 -7.79 -12.63
CA THR B 177 2.09 -9.01 -11.91
C THR B 177 0.92 -9.47 -11.05
N GLN B 178 0.36 -8.53 -10.28
CA GLN B 178 -0.74 -8.85 -9.39
C GLN B 178 -2.02 -9.25 -10.13
N CYS B 179 -2.37 -8.52 -11.19
CA CYS B 179 -3.56 -8.86 -11.97
C CYS B 179 -3.40 -10.22 -12.66
N MSE B 180 -2.24 -10.42 -13.29
CA MSE B 180 -1.99 -11.70 -13.93
C MSE B 180 -1.98 -12.83 -12.90
O MSE B 180 -2.52 -13.89 -13.15
CB MSE B 180 -0.67 -11.69 -14.69
CG MSE B 180 -0.69 -10.88 -15.96
SE MSE B 180 1.02 -11.01 -16.92
CE MSE B 180 2.32 -10.64 -15.50
N GLY B 181 -1.36 -12.58 -11.75
CA GLY B 181 -1.28 -13.59 -10.70
C GLY B 181 -2.67 -14.07 -10.33
N MSE B 182 -3.58 -13.12 -10.22
CA MSE B 182 -4.96 -13.42 -9.87
C MSE B 182 -5.69 -14.09 -11.04
O MSE B 182 -6.42 -15.04 -10.85
CB MSE B 182 -5.63 -12.10 -9.51
CG MSE B 182 -7.10 -12.13 -9.29
SE MSE B 182 -7.61 -10.33 -8.63
CE MSE B 182 -6.13 -10.02 -7.44
N ASP B 183 -5.48 -13.55 -12.25
CA ASP B 183 -6.17 -14.05 -13.45
C ASP B 183 -5.77 -15.48 -13.84
N HIS B 184 -4.53 -15.86 -13.59
CA HIS B 184 -4.00 -17.11 -14.14
C HIS B 184 -3.69 -18.19 -13.12
N ALA B 185 -3.80 -17.87 -11.84
CA ALA B 185 -3.67 -18.91 -10.83
C ALA B 185 -4.59 -20.11 -11.12
N PRO B 186 -5.80 -19.86 -11.67
CA PRO B 186 -6.66 -21.04 -11.91
C PRO B 186 -6.07 -21.99 -12.93
N GLN B 187 -5.11 -21.51 -13.73
CA GLN B 187 -4.43 -22.38 -14.69
C GLN B 187 -3.17 -23.03 -14.12
N GLY B 188 -2.91 -22.83 -12.84
CA GLY B 188 -1.74 -23.42 -12.20
C GLY B 188 -0.50 -22.59 -12.54
N ILE B 189 -0.73 -21.37 -12.98
CA ILE B 189 0.38 -20.45 -13.28
C ILE B 189 0.57 -19.46 -12.12
N ARG B 190 1.70 -19.53 -11.46
CA ARG B 190 2.08 -18.66 -10.37
C ARG B 190 2.94 -17.46 -10.78
N ILE B 191 2.35 -16.31 -10.74
CA ILE B 191 2.99 -15.11 -11.24
C ILE B 191 3.24 -14.19 -10.05
N ASN B 192 4.52 -13.88 -9.79
CA ASN B 192 4.91 -13.14 -8.61
C ASN B 192 6.07 -12.23 -8.98
N ALA B 193 6.41 -11.29 -8.10
CA ALA B 193 7.52 -10.39 -8.42
C ALA B 193 8.50 -10.28 -7.26
N VAL B 194 9.76 -10.11 -7.60
CA VAL B 194 10.76 -9.70 -6.63
C VAL B 194 10.96 -8.20 -6.84
N CYS B 195 11.11 -7.44 -5.75
CA CYS B 195 11.25 -5.98 -5.83
C CYS B 195 12.45 -5.49 -5.03
N PRO B 196 13.63 -5.42 -5.69
CA PRO B 196 14.85 -4.97 -5.03
C PRO B 196 14.84 -3.47 -4.77
N ASN B 197 15.78 -2.97 -3.97
CA ASN B 197 16.01 -1.54 -3.92
C ASN B 197 17.42 -1.25 -4.40
N GLU B 198 18.40 -1.28 -3.50
CA GLU B 198 19.80 -1.13 -3.90
C GLU B 198 20.46 -2.46 -4.28
N VAL B 199 21.10 -2.49 -5.46
CA VAL B 199 21.75 -3.69 -5.98
C VAL B 199 23.12 -3.36 -6.59
N ASN B 200 24.12 -4.18 -6.28
CA ASN B 200 25.46 -4.04 -6.82
C ASN B 200 25.57 -4.56 -8.26
N THR B 201 25.43 -3.69 -9.23
CA THR B 201 25.48 -4.07 -10.65
C THR B 201 26.73 -3.55 -11.35
N PRO B 202 27.08 -4.12 -12.49
CA PRO B 202 28.22 -3.63 -13.25
C PRO B 202 28.02 -2.18 -13.66
N MSE B 203 26.83 -1.77 -14.06
CA MSE B 203 26.58 -0.36 -14.38
C MSE B 203 26.87 0.57 -13.21
O MSE B 203 27.42 1.63 -13.39
CB MSE B 203 25.14 -0.12 -14.85
CG MSE B 203 24.88 1.25 -15.54
SE MSE B 203 22.93 1.91 -15.77
CE MSE B 203 22.50 2.50 -13.97
N LEU B 204 26.45 0.15 -12.04
CA LEU B 204 26.74 0.87 -10.81
C LEU B 204 28.24 0.95 -10.58
N ARG B 205 28.93 -0.19 -10.69
CA ARG B 205 30.35 -0.22 -10.40
C ARG B 205 31.16 0.56 -11.45
N THR B 206 30.78 0.42 -12.72
CA THR B 206 31.44 1.18 -13.78
C THR B 206 31.24 2.67 -13.53
N GLY B 207 30.05 3.05 -13.11
CA GLY B 207 29.76 4.44 -12.80
C GLY B 207 30.70 5.00 -11.75
N PHE B 208 30.96 4.22 -10.70
CA PHE B 208 31.88 4.65 -9.66
C PHE B 208 33.32 4.70 -10.18
N ALA B 209 33.70 3.68 -10.94
CA ALA B 209 35.07 3.60 -11.42
C ALA B 209 35.45 4.84 -12.23
N LYS B 210 34.49 5.40 -12.97
CA LYS B 210 34.74 6.56 -13.84
C LYS B 210 34.83 7.89 -13.09
N ARG B 211 34.29 7.93 -11.89
CA ARG B 211 34.46 9.09 -11.03
C ARG B 211 35.75 8.94 -10.22
N GLY B 212 36.61 8.02 -10.64
CA GLY B 212 37.86 7.77 -9.92
C GLY B 212 37.67 7.12 -8.56
N PHE B 213 36.45 6.61 -8.29
CA PHE B 213 36.20 5.94 -7.02
C PHE B 213 36.74 4.51 -7.05
N ASP B 214 37.07 4.00 -5.88
CA ASP B 214 37.24 2.57 -5.69
C ASP B 214 35.82 2.00 -5.59
N PRO B 215 35.40 1.17 -6.57
CA PRO B 215 34.00 0.73 -6.69
C PRO B 215 33.56 -0.10 -5.48
N ASP B 216 34.45 -0.94 -4.95
CA ASP B 216 34.13 -1.72 -3.76
C ASP B 216 33.90 -0.82 -2.56
N ARG B 217 34.77 0.16 -2.33
CA ARG B 217 34.56 1.08 -1.22
C ARG B 217 33.28 1.87 -1.44
N ALA B 218 33.07 2.34 -2.65
CA ALA B 218 31.87 3.16 -2.93
C ALA B 218 30.60 2.33 -2.73
N VAL B 219 30.66 1.06 -3.13
CA VAL B 219 29.56 0.13 -2.94
C VAL B 219 29.31 -0.07 -1.42
N ALA B 220 30.39 -0.24 -0.65
CA ALA B 220 30.27 -0.36 0.81
C ALA B 220 29.64 0.90 1.39
N GLU B 221 30.06 2.05 0.89
CA GLU B 221 29.51 3.32 1.36
C GLU B 221 28.01 3.46 1.09
N LEU B 222 27.62 3.03 -0.01
CA LEU B 222 26.21 3.07 -0.37
C LEU B 222 25.49 2.05 0.49
N GLY B 223 26.12 1.03 0.89
CA GLY B 223 25.58 0.06 1.83
C GLY B 223 25.18 0.66 3.17
N ARG B 224 25.92 1.67 3.59
CA ARG B 224 25.64 2.31 4.88
C ARG B 224 24.28 3.02 4.91
N THR B 225 23.70 3.30 3.74
CA THR B 225 22.35 3.86 3.67
C THR B 225 21.28 2.78 3.78
N VAL B 226 21.68 1.52 3.85
CA VAL B 226 20.73 0.40 3.98
C VAL B 226 20.77 -0.10 5.43
N PRO B 227 19.60 -0.24 6.09
CA PRO B 227 19.62 -0.74 7.47
C PRO B 227 20.38 -2.05 7.62
N LEU B 228 20.26 -2.95 6.65
CA LEU B 228 21.02 -4.20 6.69
C LEU B 228 22.53 -3.94 6.65
N GLY B 229 22.95 -2.83 6.04
CA GLY B 229 24.35 -2.43 6.06
C GLY B 229 25.11 -2.68 4.77
N ARG B 230 24.43 -3.19 3.74
CA ARG B 230 25.07 -3.43 2.45
C ARG B 230 24.02 -3.42 1.37
N ILE B 231 24.42 -3.09 0.14
CA ILE B 231 23.50 -3.26 -0.97
C ILE B 231 23.44 -4.74 -1.38
N ALA B 232 22.41 -5.14 -2.11
CA ALA B 232 22.28 -6.55 -2.51
C ALA B 232 23.32 -6.94 -3.55
N GLU B 233 23.85 -8.16 -3.43
CA GLU B 233 24.59 -8.74 -4.52
C GLU B 233 23.53 -9.34 -5.44
N PRO B 234 23.85 -9.56 -6.73
CA PRO B 234 22.86 -10.20 -7.60
C PRO B 234 22.38 -11.58 -7.07
N GLU B 235 23.24 -12.29 -6.34
CA GLU B 235 22.87 -13.57 -5.75
C GLU B 235 21.81 -13.41 -4.65
N ASP B 236 21.88 -12.32 -3.89
CA ASP B 236 20.84 -12.01 -2.89
C ASP B 236 19.46 -11.97 -3.55
N ILE B 237 19.39 -11.40 -4.74
CA ILE B 237 18.12 -11.31 -5.47
C ILE B 237 17.76 -12.63 -6.13
N ALA B 238 18.73 -13.28 -6.77
CA ALA B 238 18.47 -14.53 -7.48
C ALA B 238 17.90 -15.62 -6.58
N ASP B 239 18.39 -15.71 -5.35
CA ASP B 239 17.87 -16.75 -4.46
C ASP B 239 16.39 -16.53 -4.09
N VAL B 240 15.92 -15.29 -4.20
CA VAL B 240 14.50 -15.05 -3.99
C VAL B 240 13.70 -15.41 -5.25
N VAL B 241 14.26 -15.08 -6.41
CA VAL B 241 13.68 -15.52 -7.66
C VAL B 241 13.53 -17.04 -7.69
N LEU B 242 14.56 -17.76 -7.25
CA LEU B 242 14.47 -19.22 -7.22
C LEU B 242 13.40 -19.72 -6.24
N PHE B 243 13.33 -19.12 -5.07
CA PHE B 243 12.23 -19.40 -4.14
C PHE B 243 10.89 -19.26 -4.82
N LEU B 244 10.67 -18.14 -5.50
CA LEU B 244 9.37 -17.89 -6.12
C LEU B 244 9.00 -18.88 -7.23
N ALA B 245 10.00 -19.45 -7.89
CA ALA B 245 9.76 -20.45 -8.93
C ALA B 245 9.71 -21.88 -8.38
N SER B 246 9.97 -22.05 -7.08
CA SER B 246 10.07 -23.37 -6.46
C SER B 246 8.78 -23.83 -5.79
N ASP B 247 8.74 -25.10 -5.41
CA ASP B 247 7.59 -25.71 -4.71
C ASP B 247 7.28 -25.11 -3.33
N ALA B 248 8.28 -24.54 -2.66
CA ALA B 248 8.03 -23.93 -1.36
C ALA B 248 7.13 -22.71 -1.52
N ALA B 249 7.05 -22.16 -2.73
CA ALA B 249 6.22 -20.99 -2.99
C ALA B 249 4.92 -21.34 -3.72
N ARG B 250 4.45 -22.57 -3.58
CA ARG B 250 3.31 -23.03 -4.38
C ARG B 250 2.00 -22.32 -4.06
N TYR B 251 1.93 -21.63 -2.91
CA TYR B 251 0.70 -20.92 -2.60
C TYR B 251 0.79 -19.41 -2.86
N LEU B 252 1.93 -18.95 -3.37
CA LEU B 252 2.08 -17.55 -3.74
C LEU B 252 1.62 -17.25 -5.16
N CYS B 253 0.58 -16.43 -5.28
CA CYS B 253 0.11 -15.93 -6.57
C CYS B 253 -0.14 -14.44 -6.49
N GLY B 254 0.55 -13.69 -7.34
CA GLY B 254 0.36 -12.26 -7.39
C GLY B 254 1.08 -11.51 -6.29
N SER B 255 2.05 -12.16 -5.64
CA SER B 255 2.78 -11.52 -4.55
C SER B 255 3.89 -10.62 -5.06
N LEU B 256 4.04 -9.47 -4.43
CA LEU B 256 5.13 -8.55 -4.71
C LEU B 256 6.11 -8.68 -3.56
N VAL B 257 7.20 -9.39 -3.75
CA VAL B 257 8.11 -9.70 -2.66
C VAL B 257 9.25 -8.68 -2.59
N GLU B 258 9.20 -7.84 -1.58
CA GLU B 258 10.21 -6.79 -1.46
C GLU B 258 11.49 -7.35 -0.88
N VAL B 259 12.62 -7.05 -1.54
CA VAL B 259 13.92 -7.54 -1.11
C VAL B 259 14.84 -6.34 -1.04
N ASN B 260 14.77 -5.62 0.08
CA ASN B 260 15.35 -4.29 0.13
C ASN B 260 16.32 -4.03 1.28
N GLY B 261 16.60 -5.05 2.09
CA GLY B 261 17.51 -4.89 3.22
C GLY B 261 17.05 -3.87 4.23
N GLY B 262 15.77 -3.52 4.16
CA GLY B 262 15.18 -2.59 5.10
C GLY B 262 15.15 -1.16 4.60
N LYS B 263 15.73 -0.91 3.43
CA LYS B 263 15.83 0.47 2.96
C LYS B 263 14.55 0.97 2.30
N ALA B 264 13.96 2.02 2.86
CA ALA B 264 12.80 2.67 2.27
C ALA B 264 13.22 3.48 1.04
N VAL B 265 12.35 3.53 0.03
CA VAL B 265 12.59 4.31 -1.17
C VAL B 265 12.91 5.78 -0.83
N ALA B 266 14.06 6.27 -1.30
CA ALA B 266 14.43 7.68 -1.09
C ALA B 266 15.62 8.06 -1.94
N PHE C 26 19.59 -25.42 8.65
CA PHE C 26 19.04 -25.11 9.98
C PHE C 26 19.71 -25.92 11.09
N GLU C 27 20.64 -26.80 10.72
CA GLU C 27 21.29 -27.65 11.69
C GLU C 27 22.01 -26.79 12.72
N GLY C 28 21.78 -27.06 14.00
CA GLY C 28 22.46 -26.33 15.04
C GLY C 28 21.67 -25.13 15.51
N LYS C 29 20.69 -24.73 14.73
CA LYS C 29 19.92 -23.55 15.08
C LYS C 29 18.86 -23.86 16.11
N VAL C 30 18.51 -22.87 16.93
CA VAL C 30 17.43 -23.00 17.90
C VAL C 30 16.28 -22.05 17.58
N ALA C 31 15.05 -22.56 17.58
CA ALA C 31 13.90 -21.73 17.27
C ALA C 31 12.87 -21.73 18.39
N LEU C 32 12.23 -20.59 18.61
CA LEU C 32 11.03 -20.51 19.46
C LEU C 32 9.79 -20.38 18.58
N VAL C 33 8.81 -21.26 18.76
CA VAL C 33 7.55 -21.14 18.04
C VAL C 33 6.38 -20.98 19.01
N THR C 34 5.64 -19.87 18.91
CA THR C 34 4.42 -19.68 19.69
C THR C 34 3.18 -20.20 18.93
N GLY C 35 2.07 -20.38 19.64
CA GLY C 35 0.91 -21.03 19.05
C GLY C 35 1.28 -22.40 18.50
N ALA C 36 2.20 -23.05 19.20
CA ALA C 36 2.80 -24.31 18.77
C ALA C 36 1.78 -25.45 18.64
N ALA C 37 0.71 -25.37 19.40
CA ALA C 37 -0.32 -26.41 19.41
C ALA C 37 -1.38 -26.27 18.28
N GLY C 38 -1.37 -25.15 17.56
CA GLY C 38 -2.34 -24.91 16.48
C GLY C 38 -1.89 -25.46 15.12
N GLY C 39 -2.69 -25.20 14.08
CA GLY C 39 -2.40 -25.77 12.77
C GLY C 39 -1.07 -25.32 12.17
N ILE C 40 -0.94 -24.02 11.92
CA ILE C 40 0.29 -23.48 11.35
C ILE C 40 1.51 -23.67 12.28
N GLY C 41 1.34 -23.37 13.57
CA GLY C 41 2.42 -23.56 14.53
C GLY C 41 2.99 -24.97 14.48
N GLY C 42 2.11 -25.96 14.43
CA GLY C 42 2.52 -27.34 14.42
C GLY C 42 3.30 -27.69 13.17
N ALA C 43 2.86 -27.18 12.02
CA ALA C 43 3.53 -27.44 10.76
C ALA C 43 4.90 -26.78 10.77
N VAL C 44 4.98 -25.62 11.39
CA VAL C 44 6.25 -24.92 11.52
C VAL C 44 7.25 -25.69 12.40
N VAL C 45 6.81 -26.11 13.58
CA VAL C 45 7.65 -26.94 14.43
C VAL C 45 8.16 -28.17 13.68
N THR C 46 7.26 -28.88 13.01
CA THR C 46 7.64 -30.08 12.28
C THR C 46 8.69 -29.83 11.22
N ALA C 47 8.50 -28.74 10.46
CA ALA C 47 9.39 -28.40 9.35
C ALA C 47 10.76 -28.00 9.86
N LEU C 48 10.88 -27.14 10.92
CA LEU C 48 12.15 -26.76 11.53
C LEU C 48 12.90 -27.96 12.09
N ARG C 49 12.15 -28.88 12.73
CA ARG C 49 12.82 -30.02 13.32
C ARG C 49 13.34 -30.96 12.25
N ALA C 50 12.55 -31.15 11.18
CA ALA C 50 12.98 -31.99 10.07
C ALA C 50 14.27 -31.47 9.48
N ALA C 51 14.42 -30.15 9.47
CA ALA C 51 15.56 -29.49 8.85
C ALA C 51 16.74 -29.38 9.82
N GLY C 52 16.55 -29.87 11.04
CA GLY C 52 17.66 -30.00 11.98
C GLY C 52 17.77 -28.96 13.07
N ALA C 53 16.81 -28.05 13.14
CA ALA C 53 16.80 -27.06 14.21
C ALA C 53 16.29 -27.71 15.49
N ARG C 54 16.76 -27.23 16.63
CA ARG C 54 16.09 -27.54 17.88
C ARG C 54 14.98 -26.51 18.12
N VAL C 55 13.79 -26.96 18.53
CA VAL C 55 12.64 -26.07 18.67
C VAL C 55 12.07 -26.05 20.10
N ALA C 56 11.92 -24.86 20.66
CA ALA C 56 11.13 -24.64 21.88
C ALA C 56 9.69 -24.32 21.50
N VAL C 57 8.75 -25.05 22.07
CA VAL C 57 7.35 -24.82 21.74
C VAL C 57 6.60 -24.12 22.86
N ALA C 58 5.84 -23.10 22.49
CA ALA C 58 5.03 -22.36 23.45
C ALA C 58 3.59 -22.33 23.01
N ASP C 59 2.69 -22.60 23.96
CA ASP C 59 1.25 -22.47 23.81
C ASP C 59 0.65 -22.64 25.19
N ARG C 60 -0.67 -22.58 25.31
CA ARG C 60 -1.36 -22.79 26.59
C ARG C 60 -1.02 -24.16 27.16
N ALA C 61 -1.06 -25.17 26.27
CA ALA C 61 -0.67 -26.53 26.58
C ALA C 61 0.16 -27.05 25.43
N VAL C 62 1.28 -27.72 25.70
CA VAL C 62 2.12 -28.24 24.62
C VAL C 62 2.60 -29.65 24.89
N ALA C 63 2.05 -30.26 25.95
CA ALA C 63 2.44 -31.61 26.35
C ALA C 63 2.51 -32.62 25.19
N GLY C 64 1.50 -32.65 24.34
CA GLY C 64 1.57 -33.57 23.19
C GLY C 64 2.76 -33.44 22.23
N ILE C 65 3.35 -32.26 22.17
CA ILE C 65 4.20 -31.90 21.03
C ILE C 65 5.65 -32.37 21.07
N ALA C 66 6.09 -33.05 20.00
CA ALA C 66 7.49 -33.42 19.90
C ALA C 66 8.35 -32.17 19.71
N ALA C 67 9.29 -31.95 20.61
CA ALA C 67 10.06 -30.73 20.61
C ALA C 67 11.20 -30.86 21.60
N ASP C 68 12.10 -29.88 21.58
CA ASP C 68 13.33 -29.92 22.35
C ASP C 68 13.23 -29.16 23.68
N LEU C 69 12.17 -28.39 23.84
CA LEU C 69 11.94 -27.63 25.06
C LEU C 69 10.48 -27.22 25.07
N HIS C 70 9.80 -27.41 26.20
CA HIS C 70 8.37 -27.12 26.28
C HIS C 70 8.12 -25.99 27.25
N LEU C 71 7.42 -24.95 26.78
CA LEU C 71 7.21 -23.74 27.55
C LEU C 71 5.74 -23.31 27.60
N PRO C 72 4.92 -24.07 28.33
CA PRO C 72 3.48 -23.79 28.46
C PRO C 72 3.21 -22.45 29.16
N GLY C 73 2.18 -21.74 28.71
CA GLY C 73 1.79 -20.51 29.36
C GLY C 73 0.80 -19.68 28.56
N ASP C 74 0.37 -18.59 29.16
CA ASP C 74 -0.65 -17.71 28.62
C ASP C 74 0.03 -16.43 28.16
N LEU C 75 0.09 -16.23 26.84
CA LEU C 75 0.70 -15.04 26.26
C LEU C 75 0.17 -13.72 26.81
N ARG C 76 -1.00 -13.75 27.43
CA ARG C 76 -1.57 -12.51 27.96
C ARG C 76 -0.85 -12.08 29.23
N GLU C 77 -0.12 -13.01 29.84
CA GLU C 77 0.63 -12.71 31.06
C GLU C 77 1.96 -12.06 30.74
N ALA C 78 2.11 -10.82 31.18
CA ALA C 78 3.31 -10.02 30.88
C ALA C 78 4.62 -10.76 31.17
N ALA C 79 4.76 -11.29 32.38
CA ALA C 79 6.00 -11.92 32.79
C ALA C 79 6.31 -13.17 31.94
N TYR C 80 5.30 -13.91 31.55
CA TYR C 80 5.53 -15.08 30.70
C TYR C 80 6.03 -14.67 29.31
N ALA C 81 5.32 -13.74 28.68
CA ALA C 81 5.72 -13.28 27.34
C ALA C 81 7.11 -12.63 27.38
N ASP C 82 7.33 -11.73 28.34
CA ASP C 82 8.62 -11.07 28.51
C ASP C 82 9.73 -12.12 28.65
N GLY C 83 9.43 -13.22 29.34
CA GLY C 83 10.45 -14.19 29.67
C GLY C 83 10.73 -15.29 28.66
N LEU C 84 9.91 -15.41 27.61
CA LEU C 84 10.03 -16.54 26.69
C LEU C 84 11.40 -16.64 26.03
N PRO C 85 11.86 -15.54 25.44
CA PRO C 85 13.15 -15.66 24.72
C PRO C 85 14.32 -16.03 25.64
N GLY C 86 14.36 -15.47 26.84
CA GLY C 86 15.41 -15.80 27.80
C GLY C 86 15.32 -17.25 28.25
N ALA C 87 14.10 -17.77 28.36
CA ALA C 87 13.90 -19.18 28.73
C ALA C 87 14.48 -20.12 27.67
N VAL C 88 14.29 -19.76 26.39
CA VAL C 88 14.87 -20.55 25.33
C VAL C 88 16.40 -20.43 25.30
N ALA C 89 16.93 -19.22 25.40
CA ALA C 89 18.40 -19.05 25.38
C ALA C 89 19.07 -19.78 26.55
N ALA C 90 18.46 -19.72 27.73
CA ALA C 90 18.95 -20.41 28.92
C ALA C 90 18.79 -21.91 28.81
N GLY C 91 17.64 -22.34 28.27
CA GLY C 91 17.31 -23.74 28.18
C GLY C 91 18.09 -24.49 27.12
N LEU C 92 18.24 -23.88 25.95
CA LEU C 92 18.86 -24.56 24.81
C LEU C 92 20.21 -23.96 24.39
N GLY C 93 20.59 -22.84 25.01
CA GLY C 93 21.92 -22.28 24.85
C GLY C 93 22.07 -21.13 23.86
N ARG C 94 21.04 -20.90 23.06
CA ARG C 94 21.06 -19.84 22.06
C ARG C 94 19.65 -19.65 21.53
N LEU C 95 19.44 -18.58 20.77
CA LEU C 95 18.15 -18.28 20.17
C LEU C 95 18.38 -17.68 18.78
N ASP C 96 18.10 -18.47 17.75
CA ASP C 96 18.39 -18.04 16.39
C ASP C 96 17.14 -17.54 15.67
N ILE C 97 16.00 -18.11 16.01
CA ILE C 97 14.77 -17.87 15.26
C ILE C 97 13.59 -17.75 16.22
N VAL C 98 12.77 -16.73 16.03
CA VAL C 98 11.50 -16.65 16.76
C VAL C 98 10.38 -16.62 15.72
N VAL C 99 9.40 -17.51 15.85
CA VAL C 99 8.21 -17.44 15.01
C VAL C 99 7.03 -17.02 15.90
N ASN C 100 6.53 -15.80 15.73
CA ASN C 100 5.35 -15.32 16.45
C ASN C 100 4.10 -15.76 15.70
N ASN C 101 3.56 -16.89 16.09
CA ASN C 101 2.51 -17.54 15.34
C ASN C 101 1.20 -17.57 16.11
N ALA C 102 1.25 -17.39 17.43
CA ALA C 102 0.04 -17.44 18.23
C ALA C 102 -0.91 -16.33 17.80
N GLY C 103 -2.20 -16.61 17.81
CA GLY C 103 -3.15 -15.66 17.26
C GLY C 103 -4.57 -16.01 17.64
N VAL C 104 -5.39 -14.99 17.76
CA VAL C 104 -6.78 -15.17 18.15
C VAL C 104 -7.63 -14.60 17.05
N ILE C 105 -8.70 -15.32 16.71
CA ILE C 105 -9.62 -14.90 15.68
C ILE C 105 -10.90 -14.43 16.38
N SER C 106 -11.36 -13.24 15.98
CA SER C 106 -12.55 -12.66 16.54
C SER C 106 -13.30 -12.20 15.31
N ARG C 107 -14.60 -12.01 15.40
CA ARG C 107 -15.30 -11.48 14.26
C ARG C 107 -16.35 -10.49 14.72
N GLY C 108 -16.79 -9.63 13.80
CA GLY C 108 -17.81 -8.66 14.09
C GLY C 108 -17.48 -7.29 13.54
N ARG C 109 -18.51 -6.52 13.22
CA ARG C 109 -18.31 -5.10 13.04
C ARG C 109 -17.90 -4.57 14.42
N ILE C 110 -17.34 -3.37 14.45
CA ILE C 110 -16.89 -2.80 15.71
C ILE C 110 -18.03 -2.59 16.70
N THR C 111 -19.26 -2.44 16.19
CA THR C 111 -20.44 -2.28 17.04
C THR C 111 -20.82 -3.58 17.75
N GLU C 112 -20.28 -4.70 17.27
CA GLU C 112 -20.52 -6.01 17.88
C GLU C 112 -19.27 -6.50 18.63
N THR C 113 -18.32 -5.62 18.88
CA THR C 113 -17.06 -6.03 19.50
C THR C 113 -17.11 -5.68 20.98
N THR C 114 -16.91 -6.67 21.85
CA THR C 114 -17.03 -6.44 23.28
C THR C 114 -15.67 -6.04 23.87
N ASP C 115 -15.69 -5.50 25.09
CA ASP C 115 -14.46 -5.20 25.82
C ASP C 115 -13.61 -6.45 26.04
N ALA C 116 -14.24 -7.60 26.23
CA ALA C 116 -13.51 -8.85 26.41
C ALA C 116 -12.81 -9.28 25.10
N ASP C 117 -13.51 -9.16 23.99
CA ASP C 117 -12.96 -9.34 22.65
C ASP C 117 -11.71 -8.48 22.48
N TRP C 118 -11.82 -7.21 22.84
CA TRP C 118 -10.74 -6.27 22.63
C TRP C 118 -9.50 -6.70 23.39
N SER C 119 -9.64 -6.95 24.69
CA SER C 119 -8.50 -7.31 25.53
C SER C 119 -7.80 -8.55 25.03
N LEU C 120 -8.58 -9.53 24.61
CA LEU C 120 -8.04 -10.80 24.16
C LEU C 120 -7.23 -10.62 22.87
N SER C 121 -7.83 -9.99 21.86
CA SER C 121 -7.13 -9.85 20.58
C SER C 121 -5.90 -8.97 20.66
N LEU C 122 -6.01 -7.84 21.35
CA LEU C 122 -4.85 -6.96 21.47
C LEU C 122 -3.74 -7.68 22.21
N GLY C 123 -4.09 -8.38 23.28
CA GLY C 123 -3.09 -8.99 24.15
C GLY C 123 -2.31 -10.06 23.43
N VAL C 124 -3.00 -10.87 22.65
CA VAL C 124 -2.36 -12.01 22.03
C VAL C 124 -1.79 -11.68 20.66
N ASN C 125 -2.50 -10.87 19.87
CA ASN C 125 -2.10 -10.59 18.48
C ASN C 125 -1.06 -9.50 18.31
N VAL C 126 -0.98 -8.62 19.30
CA VAL C 126 -0.14 -7.45 19.19
C VAL C 126 0.79 -7.32 20.39
N GLU C 127 0.24 -7.30 21.60
CA GLU C 127 1.06 -7.05 22.77
C GLU C 127 2.07 -8.18 23.01
N ALA C 128 1.64 -9.43 22.83
CA ALA C 128 2.54 -10.58 23.02
C ALA C 128 3.78 -10.55 22.08
N PRO C 129 3.55 -10.39 20.76
CA PRO C 129 4.69 -10.23 19.85
C PRO C 129 5.61 -9.08 20.22
N PHE C 130 5.04 -7.99 20.72
CA PHE C 130 5.83 -6.84 21.14
C PHE C 130 6.76 -7.25 22.28
N ARG C 131 6.18 -7.87 23.30
CA ARG C 131 6.95 -8.30 24.47
C ARG C 131 8.04 -9.32 24.08
N ILE C 132 7.67 -10.29 23.26
CA ILE C 132 8.62 -11.32 22.82
C ILE C 132 9.75 -10.73 21.98
N CYS C 133 9.43 -9.84 21.02
CA CYS C 133 10.48 -9.21 20.22
C CYS C 133 11.33 -8.28 21.09
N ARG C 134 10.70 -7.49 21.93
CA ARG C 134 11.45 -6.59 22.79
C ARG C 134 12.51 -7.36 23.59
N ALA C 135 12.15 -8.54 24.08
CA ALA C 135 13.08 -9.40 24.82
C ALA C 135 14.07 -10.15 23.93
N ALA C 136 13.63 -10.62 22.78
CA ALA C 136 14.50 -11.45 21.93
C ALA C 136 15.62 -10.64 21.27
N ILE C 137 15.32 -9.40 20.90
CA ILE C 137 16.24 -8.58 20.14
C ILE C 137 17.62 -8.37 20.81
N PRO C 138 17.64 -8.01 22.09
CA PRO C 138 18.96 -7.86 22.74
C PRO C 138 19.74 -9.18 22.78
N LEU C 139 19.05 -10.30 22.97
CA LEU C 139 19.71 -11.61 23.01
C LEU C 139 20.35 -11.94 21.67
N MSE C 140 19.56 -11.81 20.61
CA MSE C 140 20.05 -12.03 19.25
C MSE C 140 21.14 -11.03 18.87
O MSE C 140 22.10 -11.41 18.22
CB MSE C 140 18.89 -11.95 18.24
CG MSE C 140 17.83 -13.03 18.45
SE MSE C 140 16.36 -12.81 17.17
CE MSE C 140 15.99 -10.93 17.51
N ALA C 141 20.97 -9.77 19.22
CA ALA C 141 21.98 -8.78 18.85
C ALA C 141 23.35 -9.14 19.45
N ALA C 142 23.37 -9.52 20.72
CA ALA C 142 24.61 -9.87 21.39
C ALA C 142 25.26 -11.11 20.77
N ALA C 143 24.45 -11.94 20.11
CA ALA C 143 24.95 -13.18 19.51
C ALA C 143 25.28 -13.05 18.01
N GLY C 144 25.17 -11.84 17.47
CA GLY C 144 25.53 -11.62 16.09
C GLY C 144 24.38 -11.68 15.09
N GLY C 145 23.15 -11.82 15.56
CA GLY C 145 21.99 -11.67 14.70
C GLY C 145 20.97 -12.79 14.86
N GLY C 146 19.89 -12.75 14.09
CA GLY C 146 18.91 -13.81 14.11
C GLY C 146 17.78 -13.51 13.15
N ALA C 147 16.70 -14.28 13.25
CA ALA C 147 15.56 -14.05 12.39
C ALA C 147 14.26 -14.12 13.18
N ILE C 148 13.37 -13.17 12.96
CA ILE C 148 12.05 -13.19 13.57
C ILE C 148 11.02 -13.24 12.44
N VAL C 149 10.08 -14.18 12.52
CA VAL C 149 9.00 -14.26 11.52
C VAL C 149 7.67 -14.10 12.22
N ASN C 150 6.90 -13.09 11.82
CA ASN C 150 5.58 -12.89 12.37
C ASN C 150 4.53 -13.38 11.38
N VAL C 151 3.52 -14.08 11.88
CA VAL C 151 2.43 -14.55 11.04
C VAL C 151 1.32 -13.55 11.18
N ALA C 152 1.23 -12.65 10.21
CA ALA C 152 0.18 -11.66 10.21
C ALA C 152 -0.94 -12.17 9.29
N SER C 153 -1.45 -11.31 8.42
CA SER C 153 -2.58 -11.71 7.59
C SER C 153 -2.84 -10.68 6.51
N CYS C 154 -3.27 -11.13 5.33
CA CYS C 154 -3.75 -10.19 4.31
C CYS C 154 -4.91 -9.34 4.85
N TRP C 155 -5.72 -9.92 5.73
CA TRP C 155 -6.76 -9.16 6.41
C TRP C 155 -6.10 -8.23 7.44
N GLY C 156 -6.06 -6.94 7.16
CA GLY C 156 -5.23 -6.03 7.92
C GLY C 156 -4.45 -5.16 6.94
N LEU C 157 -3.69 -5.79 6.07
CA LEU C 157 -3.03 -5.10 4.97
C LEU C 157 -4.09 -4.43 4.13
N ARG C 158 -5.19 -5.15 3.92
CA ARG C 158 -6.38 -4.56 3.29
C ARG C 158 -7.55 -4.78 4.22
N PRO C 159 -8.55 -3.87 4.19
CA PRO C 159 -9.73 -3.98 5.02
C PRO C 159 -10.69 -5.05 4.53
N GLY C 160 -11.36 -5.72 5.45
CA GLY C 160 -12.37 -6.68 5.11
C GLY C 160 -13.62 -6.40 5.93
N PRO C 161 -14.77 -6.86 5.42
CA PRO C 161 -16.05 -6.63 6.11
C PRO C 161 -16.23 -7.47 7.38
N GLY C 162 -16.80 -6.85 8.41
CA GLY C 162 -17.20 -7.58 9.59
C GLY C 162 -16.10 -8.28 10.38
N HIS C 163 -14.87 -7.74 10.32
CA HIS C 163 -13.78 -8.27 11.14
C HIS C 163 -12.89 -7.13 11.61
N ALA C 164 -13.49 -6.10 12.18
CA ALA C 164 -12.76 -4.85 12.36
C ALA C 164 -11.58 -5.05 13.33
N LEU C 165 -11.84 -5.77 14.40
CA LEU C 165 -10.82 -6.00 15.43
C LEU C 165 -9.69 -6.91 14.93
N TYR C 166 -10.06 -7.95 14.20
CA TYR C 166 -9.03 -8.84 13.69
C TYR C 166 -8.09 -8.06 12.73
N CYS C 167 -8.67 -7.34 11.77
CA CYS C 167 -7.90 -6.53 10.83
C CYS C 167 -6.99 -5.52 11.53
N LEU C 168 -7.52 -4.81 12.51
CA LEU C 168 -6.70 -3.79 13.15
C LEU C 168 -5.52 -4.40 13.92
N THR C 169 -5.67 -5.58 14.52
CA THR C 169 -4.54 -6.22 15.20
C THR C 169 -3.51 -6.73 14.19
N LYS C 170 -3.97 -7.28 13.07
CA LYS C 170 -3.07 -7.77 12.04
C LYS C 170 -2.33 -6.62 11.33
N ALA C 171 -3.00 -5.48 11.16
CA ALA C 171 -2.36 -4.31 10.60
C ALA C 171 -1.32 -3.74 11.60
N ALA C 172 -1.63 -3.76 12.89
CA ALA C 172 -0.66 -3.30 13.87
C ALA C 172 0.60 -4.18 13.87
N LEU C 173 0.40 -5.49 13.72
CA LEU C 173 1.51 -6.46 13.69
C LEU C 173 2.34 -6.32 12.39
N ALA C 174 1.68 -6.06 11.28
CA ALA C 174 2.40 -5.79 10.03
C ALA C 174 3.25 -4.53 10.16
N SER C 175 2.67 -3.47 10.71
CA SER C 175 3.42 -2.25 10.93
C SER C 175 4.62 -2.47 11.87
N LEU C 176 4.41 -3.20 12.96
CA LEU C 176 5.50 -3.50 13.88
C LEU C 176 6.62 -4.28 13.19
N THR C 177 6.23 -5.26 12.38
CA THR C 177 7.18 -6.05 11.61
C THR C 177 8.07 -5.14 10.76
N GLN C 178 7.45 -4.22 10.05
CA GLN C 178 8.20 -3.35 9.16
C GLN C 178 9.12 -2.39 9.92
N CYS C 179 8.60 -1.76 10.98
CA CYS C 179 9.41 -0.83 11.78
C CYS C 179 10.58 -1.52 12.47
N MSE C 180 10.32 -2.62 13.17
CA MSE C 180 11.38 -3.40 13.77
C MSE C 180 12.37 -3.89 12.72
O MSE C 180 13.58 -3.92 12.96
CB MSE C 180 10.80 -4.61 14.49
CG MSE C 180 9.92 -4.27 15.65
SE MSE C 180 9.54 -5.86 16.73
CE MSE C 180 8.65 -7.00 15.39
N GLY C 181 11.86 -4.26 11.55
CA GLY C 181 12.70 -4.80 10.49
C GLY C 181 13.74 -3.78 10.09
N MSE C 182 13.34 -2.50 10.06
CA MSE C 182 14.28 -1.47 9.74
C MSE C 182 15.12 -0.96 10.92
O MSE C 182 16.25 -0.54 10.75
CB MSE C 182 13.62 -0.35 8.94
CG MSE C 182 12.81 0.67 9.69
SE MSE C 182 12.21 2.09 8.41
CE MSE C 182 11.56 0.94 7.01
N ASP C 183 14.55 -1.02 12.12
CA ASP C 183 15.27 -0.66 13.35
C ASP C 183 16.36 -1.64 13.75
N HIS C 184 16.17 -2.92 13.43
CA HIS C 184 17.08 -3.92 13.96
C HIS C 184 17.90 -4.69 12.93
N ALA C 185 17.65 -4.45 11.65
CA ALA C 185 18.51 -5.05 10.65
C ALA C 185 19.98 -4.67 10.90
N PRO C 186 20.24 -3.46 11.43
CA PRO C 186 21.65 -3.11 11.67
C PRO C 186 22.33 -4.05 12.67
N GLN C 187 21.55 -4.73 13.51
CA GLN C 187 22.09 -5.70 14.48
C GLN C 187 22.09 -7.13 13.92
N GLY C 188 21.81 -7.27 12.63
CA GLY C 188 21.87 -8.58 12.00
C GLY C 188 20.62 -9.38 12.29
N ILE C 189 19.58 -8.69 12.73
CA ILE C 189 18.30 -9.32 13.00
C ILE C 189 17.33 -9.09 11.84
N ARG C 190 16.93 -10.18 11.20
CA ARG C 190 16.05 -10.12 10.02
C ARG C 190 14.60 -10.36 10.44
N ILE C 191 13.76 -9.34 10.31
CA ILE C 191 12.40 -9.43 10.84
C ILE C 191 11.41 -9.25 9.68
N ASN C 192 10.60 -10.27 9.43
CA ASN C 192 9.68 -10.26 8.29
C ASN C 192 8.38 -10.93 8.75
N ALA C 193 7.36 -10.90 7.91
CA ALA C 193 6.08 -11.50 8.25
C ALA C 193 5.60 -12.32 7.07
N VAL C 194 4.89 -13.41 7.39
CA VAL C 194 4.13 -14.12 6.37
C VAL C 194 2.67 -13.69 6.56
N CYS C 195 1.98 -13.41 5.45
CA CYS C 195 0.61 -12.94 5.53
C CYS C 195 -0.34 -13.84 4.75
N PRO C 196 -0.89 -14.86 5.42
CA PRO C 196 -1.85 -15.75 4.75
C PRO C 196 -3.19 -15.08 4.56
N ASN C 197 -4.07 -15.70 3.79
CA ASN C 197 -5.47 -15.31 3.73
C ASN C 197 -6.32 -16.47 4.25
N GLU C 198 -6.63 -17.43 3.39
CA GLU C 198 -7.40 -18.59 3.81
C GLU C 198 -6.48 -19.78 4.10
N VAL C 199 -6.62 -20.35 5.30
CA VAL C 199 -5.82 -21.51 5.69
C VAL C 199 -6.68 -22.54 6.43
N ASN C 200 -6.55 -23.81 6.05
CA ASN C 200 -7.29 -24.87 6.71
C ASN C 200 -6.69 -25.23 8.07
N THR C 201 -7.24 -24.66 9.13
CA THR C 201 -6.68 -24.86 10.47
C THR C 201 -7.79 -25.18 11.47
N PRO C 202 -7.43 -25.77 12.63
CA PRO C 202 -8.43 -26.14 13.64
C PRO C 202 -9.32 -24.97 14.01
N MSE C 203 -8.75 -23.77 14.07
CA MSE C 203 -9.53 -22.59 14.42
C MSE C 203 -10.45 -22.10 13.32
O MSE C 203 -11.54 -21.57 13.61
CB MSE C 203 -8.65 -21.43 14.88
CG MSE C 203 -8.36 -21.41 16.39
SE MSE C 203 -9.80 -21.96 17.60
CE MSE C 203 -11.08 -20.53 17.25
N LEU C 204 -10.04 -22.24 12.07
CA LEU C 204 -10.94 -21.89 10.97
C LEU C 204 -12.12 -22.86 10.96
N ARG C 205 -11.82 -24.13 11.18
CA ARG C 205 -12.86 -25.14 11.25
C ARG C 205 -13.80 -24.84 12.41
N THR C 206 -13.25 -24.88 13.62
CA THR C 206 -13.98 -24.53 14.84
C THR C 206 -14.95 -23.37 14.66
N GLY C 207 -14.46 -22.29 14.06
CA GLY C 207 -15.29 -21.13 13.78
C GLY C 207 -16.50 -21.47 12.95
N PHE C 208 -16.32 -22.34 11.94
CA PHE C 208 -17.45 -22.76 11.10
C PHE C 208 -18.44 -23.59 11.89
N ALA C 209 -17.94 -24.61 12.59
CA ALA C 209 -18.77 -25.54 13.34
C ALA C 209 -19.68 -24.79 14.31
N LYS C 210 -19.15 -23.74 14.93
CA LYS C 210 -19.91 -22.93 15.87
C LYS C 210 -21.04 -22.14 15.25
N ARG C 211 -21.25 -22.24 13.94
CA ARG C 211 -22.08 -21.23 13.29
C ARG C 211 -23.30 -21.55 12.37
N GLY C 212 -23.66 -22.80 12.12
CA GLY C 212 -22.99 -24.00 12.55
C GLY C 212 -22.90 -24.89 11.32
N PHE C 213 -21.84 -24.71 10.55
CA PHE C 213 -21.66 -25.43 9.30
C PHE C 213 -20.70 -26.57 9.55
N ASP C 214 -20.89 -27.68 8.83
CA ASP C 214 -19.90 -28.74 8.88
C ASP C 214 -18.58 -28.15 8.40
N PRO C 215 -17.53 -28.27 9.20
CA PRO C 215 -16.24 -27.65 8.83
C PRO C 215 -15.69 -28.15 7.48
N ASP C 216 -15.67 -29.47 7.25
CA ASP C 216 -15.08 -30.03 6.03
C ASP C 216 -15.77 -29.51 4.76
N ARG C 217 -17.09 -29.40 4.78
CA ARG C 217 -17.81 -28.84 3.64
C ARG C 217 -17.55 -27.35 3.46
N ALA C 218 -17.61 -26.58 4.55
CA ALA C 218 -17.31 -25.16 4.52
C ALA C 218 -15.88 -24.86 4.03
N VAL C 219 -14.91 -25.65 4.48
CA VAL C 219 -13.53 -25.50 4.03
C VAL C 219 -13.40 -25.78 2.53
N ALA C 220 -14.04 -26.85 2.06
CA ALA C 220 -14.05 -27.16 0.63
C ALA C 220 -14.68 -26.04 -0.19
N GLU C 221 -15.78 -25.47 0.30
CA GLU C 221 -16.45 -24.38 -0.40
C GLU C 221 -15.53 -23.16 -0.41
N LEU C 222 -14.88 -22.89 0.71
CA LEU C 222 -13.97 -21.76 0.82
C LEU C 222 -12.79 -21.91 -0.15
N GLY C 223 -12.26 -23.13 -0.25
CA GLY C 223 -11.16 -23.42 -1.16
C GLY C 223 -11.50 -23.04 -2.58
N ARG C 224 -12.77 -23.21 -2.93
CA ARG C 224 -13.25 -22.95 -4.28
C ARG C 224 -13.30 -21.45 -4.62
N THR C 225 -13.22 -20.58 -3.62
CA THR C 225 -13.25 -19.13 -3.84
C THR C 225 -11.84 -18.57 -4.06
N VAL C 226 -10.84 -19.46 -4.02
CA VAL C 226 -9.45 -19.06 -4.21
C VAL C 226 -9.05 -19.30 -5.67
N PRO C 227 -8.53 -18.26 -6.35
CA PRO C 227 -8.15 -18.46 -7.76
C PRO C 227 -7.29 -19.69 -7.97
N LEU C 228 -6.36 -19.97 -7.05
CA LEU C 228 -5.48 -21.14 -7.17
C LEU C 228 -6.33 -22.42 -7.13
N GLY C 229 -7.48 -22.35 -6.47
CA GLY C 229 -8.45 -23.42 -6.57
C GLY C 229 -8.48 -24.30 -5.34
N ARG C 230 -7.71 -23.94 -4.32
CA ARG C 230 -7.75 -24.66 -3.05
C ARG C 230 -7.40 -23.76 -1.88
N ILE C 231 -7.87 -24.14 -0.70
CA ILE C 231 -7.46 -23.46 0.52
C ILE C 231 -6.01 -23.83 0.80
N ALA C 232 -5.26 -22.92 1.42
CA ALA C 232 -3.91 -23.24 1.85
C ALA C 232 -3.95 -24.27 2.99
N GLU C 233 -2.98 -25.17 3.03
CA GLU C 233 -2.79 -26.06 4.18
C GLU C 233 -1.70 -25.49 5.08
N PRO C 234 -1.65 -25.91 6.34
CA PRO C 234 -0.62 -25.34 7.23
C PRO C 234 0.79 -25.43 6.62
N GLU C 235 1.06 -26.50 5.88
CA GLU C 235 2.37 -26.69 5.23
C GLU C 235 2.68 -25.62 4.16
N ASP C 236 1.65 -25.15 3.45
CA ASP C 236 1.83 -24.07 2.48
C ASP C 236 2.38 -22.82 3.17
N ILE C 237 1.99 -22.60 4.42
CA ILE C 237 2.45 -21.43 5.18
C ILE C 237 3.80 -21.70 5.81
N ALA C 238 3.95 -22.88 6.40
CA ALA C 238 5.18 -23.28 7.08
C ALA C 238 6.38 -23.21 6.12
N ASP C 239 6.18 -23.63 4.88
CA ASP C 239 7.26 -23.58 3.89
C ASP C 239 7.77 -22.16 3.65
N VAL C 240 6.87 -21.18 3.73
CA VAL C 240 7.27 -19.78 3.57
C VAL C 240 7.97 -19.27 4.83
N VAL C 241 7.47 -19.65 6.00
CA VAL C 241 8.14 -19.29 7.25
C VAL C 241 9.59 -19.79 7.23
N LEU C 242 9.79 -21.05 6.82
CA LEU C 242 11.13 -21.61 6.69
C LEU C 242 12.02 -20.82 5.72
N PHE C 243 11.48 -20.48 4.55
CA PHE C 243 12.17 -19.58 3.62
C PHE C 243 12.66 -18.33 4.35
N LEU C 244 11.74 -17.67 5.06
CA LEU C 244 12.03 -16.40 5.72
C LEU C 244 13.11 -16.51 6.80
N ALA C 245 13.29 -17.70 7.36
CA ALA C 245 14.31 -17.89 8.38
C ALA C 245 15.60 -18.46 7.79
N SER C 246 15.60 -18.73 6.48
CA SER C 246 16.75 -19.37 5.85
C SER C 246 17.68 -18.35 5.18
N ASP C 247 18.85 -18.82 4.78
CA ASP C 247 19.81 -17.97 4.09
C ASP C 247 19.30 -17.45 2.75
N ALA C 248 18.32 -18.14 2.15
CA ALA C 248 17.75 -17.68 0.88
C ALA C 248 17.07 -16.33 1.04
N ALA C 249 16.59 -16.04 2.24
CA ALA C 249 15.91 -14.76 2.50
C ALA C 249 16.82 -13.74 3.17
N ARG C 250 18.13 -13.91 3.04
CA ARG C 250 19.09 -13.08 3.75
C ARG C 250 18.98 -11.60 3.46
N TYR C 251 18.39 -11.21 2.32
CA TYR C 251 18.28 -9.79 2.00
C TYR C 251 16.88 -9.20 2.28
N LEU C 252 15.96 -10.03 2.78
CA LEU C 252 14.64 -9.52 3.18
C LEU C 252 14.68 -8.98 4.62
N CYS C 253 14.36 -7.70 4.78
CA CYS C 253 14.16 -7.09 6.10
C CYS C 253 12.91 -6.24 6.11
N GLY C 254 12.00 -6.51 7.04
CA GLY C 254 10.74 -5.80 7.10
C GLY C 254 9.78 -6.10 5.96
N SER C 255 9.97 -7.23 5.28
CA SER C 255 9.06 -7.58 4.19
C SER C 255 7.77 -8.24 4.70
N LEU C 256 6.66 -7.94 4.02
CA LEU C 256 5.38 -8.56 4.35
C LEU C 256 5.02 -9.47 3.18
N VAL C 257 5.24 -10.77 3.35
CA VAL C 257 5.12 -11.74 2.26
C VAL C 257 3.73 -12.36 2.21
N GLU C 258 2.94 -11.91 1.24
CA GLU C 258 1.56 -12.39 1.09
C GLU C 258 1.51 -13.76 0.46
N VAL C 259 0.69 -14.64 1.05
CA VAL C 259 0.62 -16.02 0.60
C VAL C 259 -0.87 -16.36 0.57
N ASN C 260 -1.53 -15.94 -0.50
CA ASN C 260 -2.99 -15.95 -0.55
C ASN C 260 -3.62 -16.71 -1.71
N GLY C 261 -2.80 -17.40 -2.50
CA GLY C 261 -3.31 -18.19 -3.62
C GLY C 261 -4.02 -17.33 -4.64
N GLY C 262 -3.75 -16.03 -4.60
CA GLY C 262 -4.31 -15.10 -5.56
C GLY C 262 -5.61 -14.46 -5.11
N LYS C 263 -6.09 -14.79 -3.91
CA LYS C 263 -7.39 -14.31 -3.44
C LYS C 263 -7.35 -12.97 -2.70
N ALA C 264 -8.14 -12.01 -3.18
CA ALA C 264 -8.25 -10.72 -2.50
C ALA C 264 -8.99 -10.88 -1.16
N VAL C 265 -8.66 -10.02 -0.20
CA VAL C 265 -9.45 -9.92 1.04
C VAL C 265 -10.91 -9.60 0.72
N ALA C 266 -11.85 -10.43 1.20
CA ALA C 266 -13.27 -10.17 0.89
C ALA C 266 -14.25 -10.96 1.76
N PHE D 26 -11.73 30.42 -6.88
CA PHE D 26 -11.39 30.08 -8.27
C PHE D 26 -11.56 31.26 -9.24
N GLU D 27 -12.22 32.32 -8.77
CA GLU D 27 -12.43 33.53 -9.57
C GLU D 27 -11.13 33.96 -10.22
N GLY D 28 -11.14 34.04 -11.55
CA GLY D 28 -9.97 34.50 -12.28
C GLY D 28 -8.91 33.45 -12.55
N LYS D 29 -9.15 32.20 -12.18
CA LYS D 29 -8.19 31.15 -12.53
C LYS D 29 -8.57 30.49 -13.85
N VAL D 30 -7.59 29.85 -14.47
CA VAL D 30 -7.78 29.14 -15.74
C VAL D 30 -7.49 27.64 -15.56
N ALA D 31 -8.44 26.82 -15.99
CA ALA D 31 -8.31 25.36 -15.90
C ALA D 31 -8.37 24.73 -17.27
N LEU D 32 -7.60 23.66 -17.46
CA LEU D 32 -7.72 22.81 -18.63
C LEU D 32 -8.30 21.48 -18.18
N VAL D 33 -9.37 21.04 -18.84
CA VAL D 33 -10.00 19.77 -18.55
C VAL D 33 -10.02 18.88 -19.79
N THR D 34 -9.33 17.73 -19.73
CA THR D 34 -9.37 16.75 -20.81
C THR D 34 -10.52 15.76 -20.61
N GLY D 35 -10.84 14.98 -21.64
CA GLY D 35 -12.03 14.15 -21.61
C GLY D 35 -13.30 14.93 -21.28
N ALA D 36 -13.34 16.18 -21.72
CA ALA D 36 -14.38 17.11 -21.27
C ALA D 36 -15.79 16.79 -21.79
N ALA D 37 -15.88 16.00 -22.85
CA ALA D 37 -17.18 15.60 -23.41
C ALA D 37 -17.79 14.42 -22.66
N GLY D 38 -17.01 13.78 -21.80
CA GLY D 38 -17.45 12.63 -21.04
C GLY D 38 -18.16 13.01 -19.75
N GLY D 39 -18.63 12.00 -19.00
CA GLY D 39 -19.41 12.20 -17.81
C GLY D 39 -18.72 12.96 -16.69
N ILE D 40 -17.62 12.42 -16.20
CA ILE D 40 -16.86 13.12 -15.17
C ILE D 40 -16.31 14.45 -15.71
N GLY D 41 -15.78 14.44 -16.93
CA GLY D 41 -15.18 15.63 -17.49
C GLY D 41 -16.20 16.77 -17.51
N GLY D 42 -17.40 16.48 -18.00
CA GLY D 42 -18.46 17.48 -18.06
C GLY D 42 -18.83 18.08 -16.71
N ALA D 43 -18.97 17.20 -15.71
CA ALA D 43 -19.29 17.64 -14.35
C ALA D 43 -18.14 18.47 -13.77
N VAL D 44 -16.89 18.09 -14.07
CA VAL D 44 -15.77 18.92 -13.62
C VAL D 44 -15.82 20.33 -14.25
N VAL D 45 -16.08 20.40 -15.55
CA VAL D 45 -16.12 21.69 -16.23
C VAL D 45 -17.23 22.57 -15.63
N THR D 46 -18.40 21.97 -15.46
CA THR D 46 -19.52 22.68 -14.87
C THR D 46 -19.14 23.23 -13.51
N ALA D 47 -18.62 22.38 -12.64
CA ALA D 47 -18.25 22.80 -11.29
C ALA D 47 -17.24 23.95 -11.33
N LEU D 48 -16.13 23.86 -12.12
CA LEU D 48 -15.11 24.91 -12.23
C LEU D 48 -15.71 26.26 -12.68
N ARG D 49 -16.51 26.24 -13.69
CA ARG D 49 -17.12 27.50 -14.15
C ARG D 49 -18.07 28.08 -13.11
N ALA D 50 -18.81 27.22 -12.41
CA ALA D 50 -19.68 27.69 -11.34
C ALA D 50 -18.89 28.37 -10.22
N ALA D 51 -17.68 27.89 -9.97
CA ALA D 51 -16.81 28.47 -8.95
C ALA D 51 -16.07 29.71 -9.44
N GLY D 52 -16.30 30.06 -10.70
CA GLY D 52 -15.75 31.29 -11.24
C GLY D 52 -14.50 31.15 -12.08
N ALA D 53 -14.07 29.92 -12.32
CA ALA D 53 -12.90 29.69 -13.15
C ALA D 53 -13.26 29.80 -14.64
N ARG D 54 -12.29 30.21 -15.45
CA ARG D 54 -12.39 30.12 -16.89
C ARG D 54 -11.81 28.77 -17.31
N VAL D 55 -12.53 28.04 -18.16
CA VAL D 55 -12.14 26.66 -18.49
C VAL D 55 -11.93 26.41 -19.98
N ALA D 56 -10.79 25.82 -20.31
CA ALA D 56 -10.52 25.31 -21.65
C ALA D 56 -10.89 23.85 -21.66
N VAL D 57 -11.68 23.42 -22.65
CA VAL D 57 -12.10 22.02 -22.73
C VAL D 57 -11.43 21.27 -23.87
N ALA D 58 -10.91 20.09 -23.55
CA ALA D 58 -10.28 19.22 -24.56
C ALA D 58 -10.98 17.87 -24.63
N ASP D 59 -11.25 17.44 -25.87
CA ASP D 59 -11.73 16.09 -26.16
C ASP D 59 -11.72 15.96 -27.69
N ARG D 60 -12.12 14.81 -28.21
CA ARG D 60 -12.12 14.60 -29.66
C ARG D 60 -12.99 15.64 -30.32
N ALA D 61 -14.15 15.88 -29.71
CA ALA D 61 -15.05 16.95 -30.13
C ALA D 61 -15.65 17.59 -28.88
N VAL D 62 -15.66 18.92 -28.84
CA VAL D 62 -16.11 19.64 -27.66
C VAL D 62 -17.10 20.74 -28.04
N ALA D 63 -17.62 20.65 -29.25
CA ALA D 63 -18.48 21.70 -29.80
C ALA D 63 -19.67 22.01 -28.90
N GLY D 64 -20.29 20.97 -28.37
CA GLY D 64 -21.47 21.17 -27.53
C GLY D 64 -21.27 21.84 -26.18
N ILE D 65 -20.02 21.89 -25.71
CA ILE D 65 -19.73 22.20 -24.31
C ILE D 65 -19.60 23.69 -23.98
N ALA D 66 -20.34 24.16 -22.99
CA ALA D 66 -20.18 25.54 -22.52
C ALA D 66 -18.80 25.72 -21.89
N ALA D 67 -17.99 26.62 -22.44
CA ALA D 67 -16.62 26.81 -21.95
C ALA D 67 -15.99 28.09 -22.52
N ASP D 68 -14.80 28.44 -22.03
CA ASP D 68 -14.16 29.69 -22.42
C ASP D 68 -13.12 29.51 -23.54
N LEU D 69 -12.72 28.27 -23.78
CA LEU D 69 -11.83 27.94 -24.89
C LEU D 69 -12.09 26.48 -25.27
N HIS D 70 -12.20 26.21 -26.56
CA HIS D 70 -12.42 24.86 -27.05
C HIS D 70 -11.20 24.36 -27.79
N LEU D 71 -10.69 23.21 -27.37
CA LEU D 71 -9.47 22.65 -27.93
C LEU D 71 -9.67 21.21 -28.39
N PRO D 72 -10.43 21.00 -29.48
CA PRO D 72 -10.69 19.63 -29.93
C PRO D 72 -9.43 19.01 -30.51
N GLY D 73 -9.27 17.70 -30.39
CA GLY D 73 -8.08 17.02 -30.87
C GLY D 73 -7.94 15.61 -30.31
N ASP D 74 -6.97 14.87 -30.84
CA ASP D 74 -6.76 13.47 -30.47
C ASP D 74 -5.53 13.33 -29.58
N LEU D 75 -5.73 12.90 -28.33
CA LEU D 75 -4.64 12.82 -27.35
C LEU D 75 -3.50 11.90 -27.75
N ARG D 76 -3.78 10.96 -28.64
CA ARG D 76 -2.76 10.04 -29.12
C ARG D 76 -1.74 10.74 -30.02
N GLU D 77 -2.10 11.89 -30.56
CA GLU D 77 -1.16 12.69 -31.34
C GLU D 77 -0.24 13.49 -30.44
N ALA D 78 1.04 13.13 -30.44
CA ALA D 78 2.06 13.74 -29.60
C ALA D 78 2.01 15.25 -29.62
N ALA D 79 1.99 15.84 -30.81
CA ALA D 79 1.98 17.29 -30.94
C ALA D 79 0.77 17.93 -30.24
N TYR D 80 -0.39 17.30 -30.38
CA TYR D 80 -1.59 17.86 -29.77
C TYR D 80 -1.45 17.87 -28.25
N ALA D 81 -1.15 16.72 -27.66
CA ALA D 81 -0.94 16.60 -26.21
C ALA D 81 0.19 17.48 -25.71
N ASP D 82 1.35 17.47 -26.38
CA ASP D 82 2.44 18.37 -26.00
C ASP D 82 2.00 19.85 -26.03
N GLY D 83 1.12 20.20 -26.96
CA GLY D 83 0.76 21.59 -27.15
C GLY D 83 -0.41 22.11 -26.32
N LEU D 84 -1.12 21.22 -25.64
CA LEU D 84 -2.33 21.65 -24.94
C LEU D 84 -2.09 22.74 -23.89
N PRO D 85 -1.13 22.53 -22.97
CA PRO D 85 -0.93 23.60 -21.98
C PRO D 85 -0.58 24.96 -22.61
N GLY D 86 0.35 24.97 -23.57
CA GLY D 86 0.72 26.22 -24.23
C GLY D 86 -0.44 26.87 -24.96
N ALA D 87 -1.31 26.05 -25.54
CA ALA D 87 -2.49 26.58 -26.23
C ALA D 87 -3.42 27.30 -25.27
N VAL D 88 -3.56 26.77 -24.05
CA VAL D 88 -4.43 27.38 -23.05
C VAL D 88 -3.84 28.68 -22.53
N ALA D 89 -2.53 28.70 -22.30
CA ALA D 89 -1.86 29.89 -21.80
C ALA D 89 -1.91 30.99 -22.85
N ALA D 90 -1.70 30.61 -24.11
CA ALA D 90 -1.79 31.56 -25.21
C ALA D 90 -3.23 32.08 -25.37
N GLY D 91 -4.21 31.20 -25.25
CA GLY D 91 -5.60 31.56 -25.46
C GLY D 91 -6.31 32.29 -24.33
N LEU D 92 -6.00 31.94 -23.09
CA LEU D 92 -6.71 32.55 -21.98
C LEU D 92 -5.75 33.34 -21.08
N GLY D 93 -4.46 33.28 -21.40
CA GLY D 93 -3.49 34.16 -20.78
C GLY D 93 -2.75 33.60 -19.58
N ARG D 94 -3.23 32.48 -19.05
CA ARG D 94 -2.58 31.85 -17.91
C ARG D 94 -3.07 30.42 -17.81
N LEU D 95 -2.39 29.62 -16.99
CA LEU D 95 -2.77 28.22 -16.74
C LEU D 95 -2.55 27.86 -15.28
N ASP D 96 -3.64 27.72 -14.52
CA ASP D 96 -3.55 27.50 -13.08
C ASP D 96 -3.82 26.05 -12.70
N ILE D 97 -4.66 25.37 -13.47
CA ILE D 97 -5.20 24.08 -13.10
C ILE D 97 -5.28 23.15 -14.31
N VAL D 98 -4.77 21.94 -14.17
CA VAL D 98 -4.96 20.92 -15.19
C VAL D 98 -5.68 19.72 -14.59
N VAL D 99 -6.79 19.29 -15.21
CA VAL D 99 -7.45 18.06 -14.81
C VAL D 99 -7.29 17.06 -15.95
N ASN D 100 -6.45 16.06 -15.71
CA ASN D 100 -6.27 14.97 -16.67
C ASN D 100 -7.36 13.93 -16.44
N ASN D 101 -8.41 14.02 -17.24
CA ASN D 101 -9.61 13.22 -17.07
C ASN D 101 -9.87 12.26 -18.22
N ALA D 102 -9.33 12.55 -19.40
CA ALA D 102 -9.50 11.63 -20.51
C ALA D 102 -9.03 10.24 -20.10
N GLY D 103 -9.71 9.22 -20.61
CA GLY D 103 -9.42 7.86 -20.20
C GLY D 103 -10.09 6.88 -21.12
N VAL D 104 -9.47 5.71 -21.27
CA VAL D 104 -10.01 4.68 -22.12
C VAL D 104 -10.26 3.43 -21.27
N ILE D 105 -11.45 2.86 -21.45
CA ILE D 105 -11.83 1.67 -20.69
C ILE D 105 -11.57 0.45 -21.56
N SER D 106 -10.84 -0.51 -21.01
CA SER D 106 -10.55 -1.75 -21.70
C SER D 106 -10.91 -2.88 -20.74
N ARG D 107 -10.98 -4.11 -21.24
CA ARG D 107 -11.13 -5.22 -20.33
C ARG D 107 -10.50 -6.48 -20.90
N GLY D 108 -10.29 -7.45 -20.02
CA GLY D 108 -9.76 -8.72 -20.44
C GLY D 108 -8.58 -9.13 -19.59
N ARG D 109 -8.36 -10.44 -19.53
CA ARG D 109 -7.10 -10.94 -19.05
C ARG D 109 -6.05 -10.53 -20.06
N ILE D 110 -4.80 -10.61 -19.66
CA ILE D 110 -3.69 -10.23 -20.51
C ILE D 110 -3.67 -11.06 -21.80
N THR D 111 -4.09 -12.31 -21.72
CA THR D 111 -4.09 -13.17 -22.87
C THR D 111 -5.18 -12.81 -23.86
N GLU D 112 -6.09 -11.93 -23.46
CA GLU D 112 -7.13 -11.49 -24.39
C GLU D 112 -6.89 -10.05 -24.81
N THR D 113 -5.70 -9.53 -24.53
CA THR D 113 -5.40 -8.15 -24.82
C THR D 113 -4.64 -8.00 -26.15
N THR D 114 -5.21 -7.25 -27.09
CA THR D 114 -4.58 -7.10 -28.41
C THR D 114 -3.54 -5.97 -28.42
N ASP D 115 -2.71 -5.96 -29.45
CA ASP D 115 -1.76 -4.87 -29.65
C ASP D 115 -2.46 -3.52 -29.81
N ALA D 116 -3.61 -3.52 -30.46
CA ALA D 116 -4.36 -2.28 -30.63
C ALA D 116 -4.90 -1.77 -29.27
N ASP D 117 -5.39 -2.70 -28.44
CA ASP D 117 -5.83 -2.37 -27.07
C ASP D 117 -4.68 -1.69 -26.33
N TRP D 118 -3.53 -2.34 -26.36
CA TRP D 118 -2.35 -1.83 -25.68
C TRP D 118 -2.02 -0.38 -26.08
N SER D 119 -1.90 -0.14 -27.39
CA SER D 119 -1.53 1.17 -27.89
C SER D 119 -2.53 2.22 -27.48
N LEU D 120 -3.81 1.89 -27.62
CA LEU D 120 -4.89 2.83 -27.28
C LEU D 120 -4.86 3.21 -25.80
N SER D 121 -4.84 2.21 -24.91
CA SER D 121 -4.80 2.48 -23.47
C SER D 121 -3.53 3.15 -22.98
N LEU D 122 -2.36 2.69 -23.42
CA LEU D 122 -1.12 3.36 -23.02
C LEU D 122 -1.11 4.80 -23.52
N GLY D 123 -1.54 4.98 -24.76
CA GLY D 123 -1.50 6.29 -25.37
C GLY D 123 -2.33 7.31 -24.61
N VAL D 124 -3.56 6.95 -24.29
CA VAL D 124 -4.50 7.90 -23.70
C VAL D 124 -4.40 8.01 -22.17
N ASN D 125 -4.29 6.86 -21.51
CA ASN D 125 -4.26 6.78 -20.04
C ASN D 125 -2.92 7.15 -19.41
N VAL D 126 -1.83 6.99 -20.14
CA VAL D 126 -0.52 7.25 -19.54
C VAL D 126 0.32 8.29 -20.30
N GLU D 127 0.58 8.05 -21.58
CA GLU D 127 1.43 8.96 -22.35
C GLU D 127 0.84 10.37 -22.43
N ALA D 128 -0.45 10.48 -22.65
CA ALA D 128 -1.10 11.80 -22.79
C ALA D 128 -0.92 12.69 -21.56
N PRO D 129 -1.25 12.17 -20.36
CA PRO D 129 -1.02 12.93 -19.12
C PRO D 129 0.46 13.24 -18.92
N PHE D 130 1.32 12.28 -19.27
CA PHE D 130 2.76 12.51 -19.24
C PHE D 130 3.13 13.74 -20.07
N ARG D 131 2.72 13.76 -21.33
CA ARG D 131 3.00 14.89 -22.21
C ARG D 131 2.40 16.19 -21.68
N ILE D 132 1.15 16.13 -21.26
CA ILE D 132 0.49 17.33 -20.78
C ILE D 132 1.19 17.87 -19.53
N CYS D 133 1.50 17.02 -18.56
CA CYS D 133 2.19 17.48 -17.34
C CYS D 133 3.58 18.01 -17.64
N ARG D 134 4.33 17.29 -18.46
CA ARG D 134 5.66 17.75 -18.87
C ARG D 134 5.64 19.18 -19.46
N ALA D 135 4.63 19.48 -20.27
CA ALA D 135 4.49 20.83 -20.84
C ALA D 135 3.89 21.84 -19.86
N ALA D 136 2.92 21.42 -19.06
CA ALA D 136 2.23 22.34 -18.14
C ALA D 136 3.13 22.81 -17.01
N ILE D 137 4.00 21.92 -16.53
CA ILE D 137 4.79 22.21 -15.33
C ILE D 137 5.65 23.48 -15.44
N PRO D 138 6.46 23.60 -16.52
CA PRO D 138 7.29 24.80 -16.69
C PRO D 138 6.46 26.08 -16.70
N LEU D 139 5.28 26.05 -17.32
CA LEU D 139 4.43 27.24 -17.39
C LEU D 139 3.98 27.63 -16.01
N MSE D 140 3.47 26.65 -15.28
CA MSE D 140 2.99 26.87 -13.93
C MSE D 140 4.10 27.33 -12.99
O MSE D 140 3.89 28.18 -12.15
CB MSE D 140 2.37 25.60 -13.40
CG MSE D 140 1.12 25.20 -14.12
SE MSE D 140 0.37 23.60 -13.29
CE MSE D 140 -1.33 23.58 -14.19
N ALA D 141 5.28 26.75 -13.15
CA ALA D 141 6.41 27.07 -12.27
C ALA D 141 6.79 28.52 -12.44
N ALA D 142 6.71 29.00 -13.68
CA ALA D 142 7.11 30.37 -14.00
C ALA D 142 6.09 31.35 -13.44
N ALA D 143 4.84 30.91 -13.36
CA ALA D 143 3.76 31.72 -12.83
C ALA D 143 3.66 31.69 -11.31
N GLY D 144 4.46 30.87 -10.64
CA GLY D 144 4.42 30.79 -9.19
C GLY D 144 3.67 29.59 -8.60
N GLY D 145 3.19 28.69 -9.46
CA GLY D 145 2.53 27.49 -8.97
C GLY D 145 1.29 27.11 -9.74
N GLY D 146 0.62 26.06 -9.28
CA GLY D 146 -0.60 25.59 -9.90
C GLY D 146 -1.09 24.30 -9.25
N ALA D 147 -2.08 23.67 -9.89
CA ALA D 147 -2.59 22.38 -9.43
C ALA D 147 -2.85 21.48 -10.61
N ILE D 148 -2.49 20.22 -10.45
CA ILE D 148 -2.84 19.22 -11.45
C ILE D 148 -3.56 18.08 -10.72
N VAL D 149 -4.70 17.67 -11.28
CA VAL D 149 -5.48 16.59 -10.68
C VAL D 149 -5.64 15.53 -11.76
N ASN D 150 -5.14 14.33 -11.48
CA ASN D 150 -5.29 13.20 -12.38
C ASN D 150 -6.45 12.34 -11.94
N VAL D 151 -7.29 11.90 -12.86
CA VAL D 151 -8.34 10.94 -12.54
C VAL D 151 -7.83 9.55 -12.84
N ALA D 152 -7.40 8.86 -11.81
CA ALA D 152 -6.87 7.52 -11.92
C ALA D 152 -7.99 6.55 -11.51
N SER D 153 -7.70 5.56 -10.67
CA SER D 153 -8.73 4.58 -10.29
C SER D 153 -8.26 3.75 -9.13
N CYS D 154 -9.21 3.21 -8.35
CA CYS D 154 -8.88 2.21 -7.32
C CYS D 154 -8.35 0.93 -7.97
N TRP D 155 -8.89 0.62 -9.16
CA TRP D 155 -8.36 -0.45 -9.98
C TRP D 155 -7.00 0.01 -10.45
N GLY D 156 -5.95 -0.71 -10.11
CA GLY D 156 -4.61 -0.20 -10.38
C GLY D 156 -3.86 0.00 -9.07
N LEU D 157 -4.53 0.61 -8.07
CA LEU D 157 -4.01 0.65 -6.71
C LEU D 157 -4.06 -0.73 -6.10
N ARG D 158 -5.18 -1.42 -6.36
CA ARG D 158 -5.32 -2.82 -6.02
C ARG D 158 -5.62 -3.54 -7.34
N PRO D 159 -5.22 -4.83 -7.44
CA PRO D 159 -5.49 -5.59 -8.66
C PRO D 159 -6.91 -6.13 -8.65
N GLY D 160 -7.47 -6.29 -9.84
CA GLY D 160 -8.81 -6.81 -9.99
C GLY D 160 -8.84 -7.77 -11.16
N PRO D 161 -9.78 -8.72 -11.13
CA PRO D 161 -9.85 -9.81 -12.12
C PRO D 161 -10.24 -9.30 -13.50
N GLY D 162 -9.63 -9.87 -14.53
CA GLY D 162 -10.01 -9.58 -15.90
C GLY D 162 -9.94 -8.13 -16.40
N HIS D 163 -9.01 -7.32 -15.89
CA HIS D 163 -8.80 -6.00 -16.45
C HIS D 163 -7.34 -5.59 -16.36
N ALA D 164 -6.46 -6.45 -16.87
CA ALA D 164 -5.03 -6.28 -16.61
C ALA D 164 -4.49 -4.98 -17.21
N LEU D 165 -4.87 -4.71 -18.46
CA LEU D 165 -4.39 -3.50 -19.15
C LEU D 165 -4.92 -2.25 -18.41
N TYR D 166 -6.20 -2.25 -18.06
CA TYR D 166 -6.75 -1.09 -17.39
C TYR D 166 -6.01 -0.81 -16.08
N CYS D 167 -5.88 -1.84 -15.25
CA CYS D 167 -5.22 -1.71 -13.96
C CYS D 167 -3.80 -1.16 -14.10
N LEU D 168 -3.02 -1.70 -15.04
CA LEU D 168 -1.63 -1.29 -15.13
C LEU D 168 -1.50 0.17 -15.57
N THR D 169 -2.38 0.62 -16.46
CA THR D 169 -2.30 2.03 -16.89
C THR D 169 -2.70 2.96 -15.75
N LYS D 170 -3.72 2.59 -14.98
CA LYS D 170 -4.12 3.39 -13.82
C LYS D 170 -3.04 3.36 -12.70
N ALA D 171 -2.38 2.22 -12.52
CA ALA D 171 -1.24 2.12 -11.60
C ALA D 171 -0.06 3.01 -12.03
N ALA D 172 0.24 2.99 -13.32
CA ALA D 172 1.27 3.85 -13.87
C ALA D 172 0.92 5.30 -13.61
N LEU D 173 -0.34 5.68 -13.82
CA LEU D 173 -0.73 7.07 -13.64
C LEU D 173 -0.70 7.49 -12.16
N ALA D 174 -1.06 6.57 -11.27
CA ALA D 174 -1.01 6.90 -9.85
C ALA D 174 0.44 7.10 -9.44
N SER D 175 1.34 6.29 -9.97
CA SER D 175 2.75 6.40 -9.60
C SER D 175 3.31 7.72 -10.11
N LEU D 176 3.00 8.05 -11.35
CA LEU D 176 3.42 9.32 -11.91
C LEU D 176 2.90 10.50 -11.08
N THR D 177 1.62 10.45 -10.71
CA THR D 177 1.05 11.48 -9.84
C THR D 177 1.90 11.68 -8.58
N GLN D 178 2.22 10.59 -7.90
CA GLN D 178 2.95 10.69 -6.65
C GLN D 178 4.40 11.17 -6.84
N CYS D 179 5.08 10.65 -7.86
CA CYS D 179 6.44 11.09 -8.14
C CYS D 179 6.45 12.55 -8.53
N MSE D 180 5.59 12.94 -9.48
CA MSE D 180 5.49 14.33 -9.87
C MSE D 180 5.13 15.22 -8.68
O MSE D 180 5.62 16.33 -8.57
CB MSE D 180 4.44 14.52 -10.96
CG MSE D 180 4.88 14.01 -12.30
SE MSE D 180 3.62 14.48 -13.72
CE MSE D 180 1.93 13.84 -12.94
N GLY D 181 4.27 14.72 -7.80
CA GLY D 181 3.86 15.48 -6.63
C GLY D 181 5.08 15.86 -5.79
N MSE D 182 5.96 14.89 -5.56
CA MSE D 182 7.19 15.16 -4.82
C MSE D 182 8.14 16.04 -5.59
O MSE D 182 8.77 16.91 -5.00
CB MSE D 182 7.92 13.86 -4.47
CG MSE D 182 7.24 13.02 -3.41
SE MSE D 182 8.27 11.35 -3.21
CE MSE D 182 10.00 12.04 -3.60
N ASP D 183 8.27 15.81 -6.89
CA ASP D 183 9.27 16.52 -7.69
C ASP D 183 8.93 18.01 -7.90
N HIS D 184 7.65 18.33 -7.94
CA HIS D 184 7.30 19.70 -8.37
C HIS D 184 6.60 20.56 -7.33
N ALA D 185 6.30 19.98 -6.17
CA ALA D 185 5.86 20.77 -5.02
C ALA D 185 6.79 21.95 -4.77
N PRO D 186 8.10 21.76 -4.96
CA PRO D 186 8.98 22.89 -4.61
C PRO D 186 8.69 24.12 -5.47
N GLN D 187 8.12 23.91 -6.66
CA GLN D 187 7.75 25.01 -7.55
C GLN D 187 6.35 25.51 -7.22
N GLY D 188 5.75 24.99 -6.16
CA GLY D 188 4.42 25.43 -5.77
C GLY D 188 3.31 24.77 -6.59
N ILE D 189 3.66 23.67 -7.23
CA ILE D 189 2.68 22.93 -8.01
C ILE D 189 2.20 21.73 -7.21
N ARG D 190 0.89 21.64 -7.02
CA ARG D 190 0.31 20.56 -6.23
C ARG D 190 -0.27 19.50 -7.16
N ILE D 191 0.32 18.31 -7.12
CA ILE D 191 -0.08 17.25 -8.02
C ILE D 191 -0.72 16.09 -7.25
N ASN D 192 -1.99 15.83 -7.54
CA ASN D 192 -2.77 14.85 -6.78
C ASN D 192 -3.70 14.09 -7.72
N ALA D 193 -4.26 12.99 -7.23
CA ALA D 193 -5.17 12.19 -8.04
C ALA D 193 -6.44 11.89 -7.27
N VAL D 194 -7.55 11.80 -7.99
CA VAL D 194 -8.77 11.24 -7.45
C VAL D 194 -8.88 9.84 -8.05
N CYS D 195 -9.27 8.87 -7.25
CA CYS D 195 -9.31 7.47 -7.69
C CYS D 195 -10.70 6.88 -7.43
N PRO D 196 -11.60 6.99 -8.43
CA PRO D 196 -12.95 6.45 -8.29
C PRO D 196 -12.95 4.93 -8.34
N ASN D 197 -14.04 4.29 -7.93
CA ASN D 197 -14.26 2.89 -8.27
C ASN D 197 -15.42 2.82 -9.28
N GLU D 198 -16.65 2.69 -8.81
CA GLU D 198 -17.79 2.63 -9.73
C GLU D 198 -18.40 4.01 -9.95
N VAL D 199 -18.58 4.40 -11.21
CA VAL D 199 -19.15 5.70 -11.57
C VAL D 199 -20.12 5.55 -12.75
N ASN D 200 -21.30 6.14 -12.63
CA ASN D 200 -22.30 6.15 -13.69
C ASN D 200 -21.94 7.19 -14.77
N THR D 201 -21.38 6.72 -15.87
CA THR D 201 -20.95 7.60 -16.93
C THR D 201 -21.45 7.06 -18.26
N PRO D 202 -21.67 7.97 -19.23
CA PRO D 202 -22.14 7.52 -20.55
C PRO D 202 -21.32 6.35 -21.04
N MSE D 203 -20.02 6.35 -20.75
CA MSE D 203 -19.18 5.29 -21.26
C MSE D 203 -19.46 3.98 -20.56
O MSE D 203 -19.43 2.93 -21.20
CB MSE D 203 -17.68 5.64 -21.19
CG MSE D 203 -16.89 5.11 -22.39
SE MSE D 203 -17.85 5.25 -24.12
CE MSE D 203 -16.34 5.10 -25.34
N LEU D 204 -19.71 4.02 -19.26
CA LEU D 204 -20.10 2.84 -18.51
C LEU D 204 -21.30 2.22 -19.20
N ARG D 205 -22.30 3.05 -19.46
CA ARG D 205 -23.56 2.61 -20.04
C ARG D 205 -23.38 2.01 -21.44
N THR D 206 -22.57 2.68 -22.27
CA THR D 206 -22.02 2.05 -23.45
C THR D 206 -21.14 0.91 -22.93
N GLY D 207 -20.99 -0.16 -23.69
CA GLY D 207 -20.19 -1.27 -23.20
C GLY D 207 -21.00 -2.18 -22.31
N PHE D 208 -22.00 -1.62 -21.62
CA PHE D 208 -23.07 -2.43 -21.06
C PHE D 208 -23.94 -2.84 -22.23
N ALA D 209 -24.39 -1.85 -23.01
CA ALA D 209 -25.18 -2.11 -24.21
C ALA D 209 -24.30 -2.56 -25.38
N PHE D 213 -26.54 -6.17 -22.51
CA PHE D 213 -27.14 -5.82 -21.22
C PHE D 213 -27.89 -4.51 -21.34
N ASP D 214 -28.90 -4.33 -20.49
CA ASP D 214 -29.62 -3.06 -20.44
C ASP D 214 -28.93 -2.11 -19.45
N PRO D 215 -28.51 -0.94 -19.94
CA PRO D 215 -27.74 0.09 -19.23
C PRO D 215 -28.28 0.48 -17.85
N ASP D 216 -29.49 1.03 -17.76
CA ASP D 216 -29.95 1.54 -16.48
C ASP D 216 -30.24 0.45 -15.45
N ARG D 217 -30.47 -0.76 -15.92
CA ARG D 217 -30.65 -1.86 -14.99
C ARG D 217 -29.30 -2.29 -14.50
N ALA D 218 -28.37 -2.35 -15.40
CA ALA D 218 -27.00 -2.72 -15.05
C ALA D 218 -26.39 -1.71 -14.08
N VAL D 219 -26.62 -0.43 -14.32
CA VAL D 219 -26.04 0.59 -13.44
C VAL D 219 -26.64 0.44 -12.05
N ALA D 220 -27.96 0.26 -11.97
CA ALA D 220 -28.62 0.07 -10.68
C ALA D 220 -28.15 -1.20 -9.93
N GLU D 221 -27.94 -2.29 -10.67
CA GLU D 221 -27.46 -3.52 -10.05
C GLU D 221 -26.04 -3.37 -9.50
N LEU D 222 -25.18 -2.73 -10.30
CA LEU D 222 -23.82 -2.44 -9.89
C LEU D 222 -23.89 -1.59 -8.62
N GLY D 223 -24.75 -0.58 -8.67
CA GLY D 223 -25.02 0.26 -7.53
C GLY D 223 -25.18 -0.48 -6.23
N ARG D 224 -25.84 -1.63 -6.26
CA ARG D 224 -26.11 -2.32 -5.00
C ARG D 224 -24.94 -3.16 -4.46
N THR D 225 -23.85 -3.21 -5.22
CA THR D 225 -22.63 -3.87 -4.73
C THR D 225 -21.74 -2.88 -3.96
N VAL D 226 -22.16 -1.63 -3.87
CA VAL D 226 -21.39 -0.60 -3.17
C VAL D 226 -21.94 -0.47 -1.73
N PRO D 227 -21.08 -0.61 -0.72
CA PRO D 227 -21.57 -0.49 0.67
C PRO D 227 -22.36 0.79 0.94
N LEU D 228 -21.97 1.90 0.32
CA LEU D 228 -22.74 3.13 0.48
C LEU D 228 -24.17 2.92 -0.04
N GLY D 229 -24.29 2.08 -1.05
CA GLY D 229 -25.60 1.69 -1.55
C GLY D 229 -25.96 2.21 -2.92
N ARG D 230 -25.05 2.96 -3.54
CA ARG D 230 -25.28 3.46 -4.88
C ARG D 230 -23.92 3.68 -5.56
N ILE D 231 -23.91 3.66 -6.90
CA ILE D 231 -22.68 4.04 -7.58
C ILE D 231 -22.55 5.55 -7.66
N ALA D 232 -21.33 6.02 -7.84
CA ALA D 232 -21.09 7.45 -7.86
C ALA D 232 -21.75 8.07 -9.09
N GLU D 233 -22.22 9.30 -8.96
CA GLU D 233 -22.56 10.09 -10.13
C GLU D 233 -21.32 10.92 -10.46
N PRO D 234 -21.25 11.44 -11.69
CA PRO D 234 -20.09 12.29 -12.05
C PRO D 234 -19.82 13.42 -11.05
N GLU D 235 -20.88 14.03 -10.50
CA GLU D 235 -20.73 15.11 -9.55
C GLU D 235 -20.03 14.67 -8.25
N ASP D 236 -20.16 13.38 -7.92
CA ASP D 236 -19.55 12.84 -6.70
C ASP D 236 -18.03 12.87 -6.83
N ILE D 237 -17.56 12.72 -8.07
CA ILE D 237 -16.14 12.72 -8.36
C ILE D 237 -15.66 14.16 -8.58
N ALA D 238 -16.48 14.95 -9.29
CA ALA D 238 -16.12 16.31 -9.62
C ALA D 238 -15.90 17.16 -8.37
N ASP D 239 -16.70 16.95 -7.34
CA ASP D 239 -16.56 17.73 -6.14
C ASP D 239 -15.25 17.45 -5.43
N VAL D 240 -14.71 16.26 -5.63
CA VAL D 240 -13.42 15.92 -5.02
C VAL D 240 -12.30 16.55 -5.85
N VAL D 241 -12.48 16.53 -7.17
CA VAL D 241 -11.56 17.20 -8.05
C VAL D 241 -11.47 18.66 -7.66
N LEU D 242 -12.62 19.28 -7.43
CA LEU D 242 -12.62 20.70 -7.06
C LEU D 242 -11.94 20.94 -5.73
N PHE D 243 -12.13 20.04 -4.78
CA PHE D 243 -11.45 20.20 -3.50
C PHE D 243 -9.94 20.22 -3.73
N LEU D 244 -9.46 19.28 -4.53
CA LEU D 244 -8.04 19.10 -4.77
C LEU D 244 -7.41 20.26 -5.53
N ALA D 245 -8.17 20.89 -6.42
CA ALA D 245 -7.71 22.11 -7.10
C ALA D 245 -7.76 23.35 -6.21
N SER D 246 -8.44 23.24 -5.06
CA SER D 246 -8.81 24.41 -4.27
C SER D 246 -7.77 24.75 -3.20
N ASP D 247 -7.99 25.88 -2.54
CA ASP D 247 -7.13 26.35 -1.46
C ASP D 247 -7.17 25.46 -0.21
N ALA D 248 -8.30 24.79 0.01
CA ALA D 248 -8.43 23.87 1.14
C ALA D 248 -7.44 22.71 1.04
N ALA D 249 -6.99 22.40 -0.17
CA ALA D 249 -6.05 21.30 -0.36
C ALA D 249 -4.61 21.78 -0.55
N ARG D 250 -4.31 22.99 -0.08
CA ARG D 250 -2.98 23.56 -0.29
C ARG D 250 -1.82 22.74 0.29
N TYR D 251 -2.10 21.82 1.21
CA TYR D 251 -0.99 21.03 1.74
C TYR D 251 -0.94 19.61 1.15
N LEU D 252 -1.88 19.27 0.27
CA LEU D 252 -1.85 17.95 -0.38
C LEU D 252 -0.94 18.00 -1.59
N CYS D 253 0.07 17.13 -1.59
CA CYS D 253 0.97 16.95 -2.72
C CYS D 253 1.25 15.47 -2.89
N GLY D 254 0.95 14.95 -4.07
CA GLY D 254 1.18 13.55 -4.37
C GLY D 254 0.21 12.62 -3.67
N SER D 255 -0.94 13.14 -3.24
CA SER D 255 -1.92 12.29 -2.58
C SER D 255 -2.81 11.62 -3.61
N LEU D 256 -3.16 10.37 -3.32
CA LEU D 256 -4.11 9.60 -4.08
C LEU D 256 -5.37 9.48 -3.23
N VAL D 257 -6.41 10.18 -3.64
CA VAL D 257 -7.60 10.27 -2.84
C VAL D 257 -8.67 9.34 -3.40
N GLU D 258 -8.95 8.27 -2.67
CA GLU D 258 -9.89 7.27 -3.15
C GLU D 258 -11.31 7.70 -2.87
N VAL D 259 -12.19 7.43 -3.82
CA VAL D 259 -13.58 7.83 -3.74
C VAL D 259 -14.40 6.68 -4.27
N ASN D 260 -14.65 5.71 -3.40
CA ASN D 260 -15.17 4.42 -3.80
C ASN D 260 -16.46 3.99 -3.07
N GLY D 261 -17.00 4.84 -2.22
CA GLY D 261 -18.23 4.50 -1.52
C GLY D 261 -18.08 3.26 -0.66
N GLY D 262 -16.85 2.99 -0.24
CA GLY D 262 -16.55 1.85 0.61
C GLY D 262 -16.28 0.56 -0.15
N LYS D 263 -16.39 0.60 -1.47
CA LYS D 263 -16.30 -0.63 -2.27
C LYS D 263 -14.86 -1.02 -2.62
N ALA D 264 -14.45 -2.20 -2.17
CA ALA D 264 -13.15 -2.77 -2.51
C ALA D 264 -13.15 -3.16 -3.98
N VAL D 265 -11.96 -3.18 -4.58
CA VAL D 265 -11.78 -3.60 -5.96
C VAL D 265 -12.15 -5.07 -6.13
N ALA D 266 -13.08 -5.36 -7.04
CA ALA D 266 -13.50 -6.74 -7.30
C ALA D 266 -14.31 -6.84 -8.59
PA NAD E . -4.98 -22.13 15.56
O1A NAD E . -5.19 -23.67 14.98
O2A NAD E . -5.91 -21.78 16.61
O5B NAD E . -3.44 -21.91 16.21
C5B NAD E . -3.07 -20.65 16.79
C4B NAD E . -2.59 -20.72 18.23
O4B NAD E . -2.60 -19.51 19.05
C3B NAD E . -3.29 -21.80 19.17
O3B NAD E . -2.73 -23.06 19.39
C2B NAD E . -3.63 -21.01 20.44
O2B NAD E . -3.85 -21.75 21.62
C1B NAD E . -2.63 -19.91 20.38
N9A NAD E . -3.13 -18.92 21.32
C8A NAD E . -4.30 -18.30 21.32
N7A NAD E . -4.41 -17.57 22.54
C5A NAD E . -3.24 -17.80 23.27
C6A NAD E . -2.82 -17.36 24.51
N6A NAD E . -3.69 -16.50 25.29
N1A NAD E . -1.62 -17.75 24.98
C2A NAD E . -0.84 -18.59 24.26
N3A NAD E . -1.24 -19.03 23.02
C4A NAD E . -2.45 -18.63 22.56
O3 NAD E . -5.19 -21.09 14.26
PN NAD E . -3.91 -20.85 13.23
O1N NAD E . -4.48 -20.36 11.76
O2N NAD E . -3.01 -22.24 13.13
O5D NAD E . -2.98 -19.65 13.92
C5D NAD E . -1.68 -19.39 13.42
C4D NAD E . -1.51 -17.92 13.00
O4D NAD E . -1.94 -17.63 11.67
C3D NAD E . -2.20 -16.83 13.88
O3D NAD E . -1.46 -15.69 14.23
C2D NAD E . -3.54 -16.62 13.08
O2D NAD E . -4.40 -15.57 13.46
C1D NAD E . -2.87 -16.59 11.73
N1N NAD E . -3.80 -16.65 10.61
C2N NAD E . -4.52 -17.85 10.26
C3N NAD E . -5.68 -17.61 9.17
C7N NAD E . -6.43 -18.81 8.61
O7N NAD E . -7.02 -18.69 7.60
N7N NAD E . -6.78 -19.90 9.51
C4N NAD E . -5.36 -16.52 8.21
C5N NAD E . -4.22 -15.68 8.36
C6N NAD E . -3.35 -15.71 9.55
#